data_2L4J
#
_entry.id   2L4J
#
_cell.length_a   1.000
_cell.length_b   1.000
_cell.length_c   1.000
_cell.angle_alpha   90.00
_cell.angle_beta   90.00
_cell.angle_gamma   90.00
#
_symmetry.space_group_name_H-M   'P 1'
#
_entity_poly.entity_id   1
_entity_poly.type   'polypeptide(L)'
_entity_poly.pdbx_seq_one_letter_code
;GSPNSSPASGPLPEGWEQAITPEGEIYYINHKNKTTSWLDPRLETR
;
_entity_poly.pdbx_strand_id   A
#
# COMPACT_ATOMS: atom_id res chain seq x y z
N GLY A 1 -6.64 10.06 -12.72
CA GLY A 1 -5.42 9.81 -13.55
C GLY A 1 -5.46 8.38 -14.07
N SER A 2 -6.67 7.85 -14.21
CA SER A 2 -6.89 6.49 -14.68
C SER A 2 -5.78 6.00 -15.63
N PRO A 3 -5.58 6.66 -16.74
CA PRO A 3 -4.54 6.24 -17.72
C PRO A 3 -3.21 5.90 -17.07
N ASN A 4 -2.84 6.64 -16.02
CA ASN A 4 -1.59 6.38 -15.32
C ASN A 4 -1.28 7.47 -14.29
N SER A 5 -1.63 8.70 -14.62
CA SER A 5 -1.38 9.83 -13.73
C SER A 5 -1.60 9.47 -12.25
N SER A 6 -2.67 8.74 -11.94
CA SER A 6 -2.93 8.39 -10.54
C SER A 6 -2.23 7.08 -10.16
N PRO A 7 -2.59 5.96 -10.74
CA PRO A 7 -1.94 4.66 -10.43
C PRO A 7 -0.47 4.63 -10.86
N ALA A 8 0.20 5.78 -10.77
CA ALA A 8 1.61 5.88 -11.13
C ALA A 8 2.32 6.79 -10.13
N SER A 9 1.53 7.58 -9.40
CA SER A 9 2.07 8.49 -8.39
C SER A 9 1.79 7.94 -7.00
N GLY A 10 0.92 6.93 -6.95
CA GLY A 10 0.58 6.30 -5.68
C GLY A 10 0.02 4.89 -5.89
N PRO A 11 0.68 4.11 -6.73
CA PRO A 11 0.26 2.71 -7.02
C PRO A 11 0.59 1.75 -5.88
N LEU A 12 0.14 0.51 -6.01
CA LEU A 12 0.39 -0.51 -5.00
C LEU A 12 1.01 -1.75 -5.67
N PRO A 13 2.31 -1.80 -5.79
CA PRO A 13 3.02 -2.95 -6.42
C PRO A 13 2.76 -4.26 -5.67
N GLU A 14 2.71 -5.36 -6.42
CA GLU A 14 2.48 -6.66 -5.83
C GLU A 14 3.40 -6.88 -4.63
N GLY A 15 2.81 -7.00 -3.44
CA GLY A 15 3.58 -7.20 -2.22
C GLY A 15 3.34 -6.06 -1.24
N TRP A 16 2.47 -5.12 -1.63
CA TRP A 16 2.17 -3.98 -0.77
C TRP A 16 0.78 -3.43 -1.09
N GLU A 17 -0.24 -4.02 -0.47
CA GLU A 17 -1.62 -3.57 -0.70
C GLU A 17 -2.18 -2.90 0.56
N GLN A 18 -2.81 -1.75 0.37
CA GLN A 18 -3.39 -1.00 1.48
C GLN A 18 -4.77 -1.53 1.84
N ALA A 19 -5.07 -1.56 3.13
CA ALA A 19 -6.36 -2.05 3.60
C ALA A 19 -6.58 -1.66 5.06
N ILE A 20 -7.63 -2.20 5.68
CA ILE A 20 -7.93 -1.91 7.07
C ILE A 20 -8.00 -3.19 7.90
N THR A 21 -7.56 -3.11 9.15
CA THR A 21 -7.60 -4.26 10.04
C THR A 21 -9.00 -4.45 10.60
N PRO A 22 -9.34 -5.62 11.05
CA PRO A 22 -10.70 -5.87 11.64
C PRO A 22 -11.08 -4.77 12.62
N GLU A 23 -10.09 -4.26 13.36
CA GLU A 23 -10.32 -3.20 14.32
C GLU A 23 -10.81 -1.93 13.62
N GLY A 24 -10.44 -1.77 12.35
CA GLY A 24 -10.85 -0.60 11.58
C GLY A 24 -9.66 0.34 11.33
N GLU A 25 -8.54 0.07 11.98
CA GLU A 25 -7.36 0.91 11.80
C GLU A 25 -6.76 0.67 10.41
N ILE A 26 -6.35 1.76 9.76
CA ILE A 26 -5.78 1.66 8.40
C ILE A 26 -4.29 1.29 8.45
N TYR A 27 -3.89 0.33 7.62
CA TYR A 27 -2.50 -0.12 7.58
C TYR A 27 -2.16 -0.76 6.24
N TYR A 28 -0.87 -1.03 6.02
CA TYR A 28 -0.40 -1.65 4.77
C TYR A 28 -0.09 -3.13 5.00
N ILE A 29 -0.39 -3.96 3.99
CA ILE A 29 -0.16 -5.40 4.09
C ILE A 29 0.98 -5.85 3.16
N ASN A 30 1.95 -6.55 3.74
CA ASN A 30 3.08 -7.06 2.97
C ASN A 30 2.86 -8.54 2.65
N HIS A 31 2.46 -8.82 1.41
CA HIS A 31 2.20 -10.19 0.99
C HIS A 31 3.50 -10.92 0.65
N LYS A 32 4.60 -10.18 0.70
CA LYS A 32 5.91 -10.78 0.41
C LYS A 32 6.24 -11.87 1.41
N ASN A 33 5.93 -11.62 2.69
CA ASN A 33 6.20 -12.59 3.74
C ASN A 33 5.02 -12.67 4.72
N LYS A 34 3.85 -12.22 4.28
CA LYS A 34 2.66 -12.24 5.12
C LYS A 34 2.95 -11.57 6.46
N THR A 35 3.20 -10.28 6.43
CA THR A 35 3.49 -9.52 7.65
C THR A 35 2.77 -8.18 7.63
N THR A 36 2.52 -7.63 8.82
CA THR A 36 1.83 -6.35 8.94
C THR A 36 2.82 -5.27 9.38
N SER A 37 2.75 -4.11 8.72
CA SER A 37 3.65 -3.00 9.04
C SER A 37 2.91 -1.68 8.94
N TRP A 38 3.32 -0.71 9.75
CA TRP A 38 2.69 0.61 9.75
C TRP A 38 3.56 1.63 9.03
N LEU A 39 4.72 1.18 8.56
CA LEU A 39 5.63 2.08 7.85
C LEU A 39 4.90 2.80 6.70
N ASP A 40 5.38 4.00 6.39
CA ASP A 40 4.77 4.82 5.35
C ASP A 40 4.42 3.99 4.11
N PRO A 41 3.55 4.47 3.24
CA PRO A 41 3.15 3.73 2.01
C PRO A 41 4.37 3.25 1.21
N ARG A 42 4.10 2.56 0.10
CA ARG A 42 5.18 2.04 -0.73
C ARG A 42 6.07 3.16 -1.28
N LEU A 43 5.47 4.07 -2.04
CA LEU A 43 6.24 5.17 -2.63
C LEU A 43 6.59 6.23 -1.58
N GLU A 44 5.60 6.59 -0.76
CA GLU A 44 5.82 7.61 0.27
C GLU A 44 6.59 8.80 -0.30
N THR A 45 7.93 8.70 -0.24
CA THR A 45 8.86 9.73 -0.73
C THR A 45 9.97 9.92 0.29
N ARG A 46 10.91 8.97 0.31
CA ARG A 46 12.02 9.04 1.26
C ARG A 46 12.84 10.31 1.01
N GLY A 1 -10.70 17.16 -5.09
CA GLY A 1 -11.11 18.30 -5.97
C GLY A 1 -10.18 18.37 -7.17
N SER A 2 -9.39 17.32 -7.38
CA SER A 2 -8.47 17.28 -8.50
C SER A 2 -7.60 18.54 -8.53
N PRO A 3 -6.98 18.86 -7.43
CA PRO A 3 -6.10 20.06 -7.33
C PRO A 3 -4.86 19.94 -8.21
N ASN A 4 -4.53 18.72 -8.61
CA ASN A 4 -3.37 18.49 -9.46
C ASN A 4 -2.10 19.02 -8.81
N SER A 5 -2.04 18.92 -7.48
CA SER A 5 -0.86 19.41 -6.76
C SER A 5 0.40 18.69 -7.24
N SER A 6 0.29 17.39 -7.46
CA SER A 6 1.43 16.60 -7.92
C SER A 6 1.04 15.13 -8.10
N PRO A 7 0.21 14.84 -9.07
CA PRO A 7 -0.24 13.44 -9.34
C PRO A 7 0.94 12.49 -9.55
N ALA A 8 0.96 11.38 -8.80
CA ALA A 8 2.06 10.41 -8.95
C ALA A 8 1.79 9.16 -8.12
N SER A 9 0.52 8.94 -7.79
CA SER A 9 0.13 7.77 -6.99
C SER A 9 -1.17 7.17 -7.55
N GLY A 10 -1.26 5.85 -7.52
CA GLY A 10 -2.46 5.18 -8.03
C GLY A 10 -2.31 3.67 -8.02
N PRO A 11 -1.42 3.14 -8.83
CA PRO A 11 -1.19 1.66 -8.93
C PRO A 11 -0.66 1.05 -7.63
N LEU A 12 -1.11 -0.18 -7.34
CA LEU A 12 -0.68 -0.92 -6.16
C LEU A 12 -0.21 -2.32 -6.60
N PRO A 13 1.07 -2.53 -6.82
CA PRO A 13 1.57 -3.86 -7.27
C PRO A 13 1.60 -4.92 -6.17
N GLU A 14 1.50 -6.19 -6.59
CA GLU A 14 1.51 -7.31 -5.63
C GLU A 14 2.73 -7.21 -4.72
N GLY A 15 2.51 -7.18 -3.41
CA GLY A 15 3.61 -7.06 -2.43
C GLY A 15 3.37 -5.89 -1.49
N TRP A 16 2.34 -5.11 -1.81
CA TRP A 16 2.01 -3.93 -1.01
C TRP A 16 0.57 -3.49 -1.28
N GLU A 17 -0.39 -4.12 -0.62
CA GLU A 17 -1.81 -3.77 -0.79
C GLU A 17 -2.34 -3.15 0.50
N GLN A 18 -2.84 -1.90 0.41
CA GLN A 18 -3.35 -1.21 1.60
C GLN A 18 -4.73 -1.73 2.01
N ALA A 19 -4.98 -1.75 3.31
CA ALA A 19 -6.27 -2.22 3.83
C ALA A 19 -6.44 -1.87 5.31
N ILE A 20 -7.68 -1.77 5.74
CA ILE A 20 -7.99 -1.43 7.14
C ILE A 20 -8.17 -2.72 7.97
N THR A 21 -7.59 -2.77 9.18
CA THR A 21 -7.74 -3.95 10.04
C THR A 21 -9.21 -4.07 10.47
N PRO A 22 -9.59 -5.16 11.08
CA PRO A 22 -10.99 -5.34 11.56
C PRO A 22 -11.45 -4.18 12.45
N GLU A 23 -10.52 -3.59 13.18
CA GLU A 23 -10.84 -2.46 14.06
C GLU A 23 -11.02 -1.19 13.23
N GLY A 24 -10.55 -1.23 11.97
CA GLY A 24 -10.67 -0.08 11.08
C GLY A 24 -9.35 0.70 11.00
N GLU A 25 -8.33 0.24 11.75
CA GLU A 25 -7.04 0.92 11.73
C GLU A 25 -6.36 0.76 10.37
N ILE A 26 -6.03 1.88 9.74
CA ILE A 26 -5.37 1.84 8.43
C ILE A 26 -3.95 1.33 8.60
N TYR A 27 -3.57 0.43 7.71
CA TYR A 27 -2.25 -0.16 7.75
C TYR A 27 -1.93 -0.81 6.40
N TYR A 28 -0.65 -1.10 6.14
CA TYR A 28 -0.23 -1.66 4.85
C TYR A 28 0.16 -3.15 4.97
N ILE A 29 -0.17 -3.96 3.94
CA ILE A 29 0.16 -5.39 3.95
C ILE A 29 1.27 -5.71 2.96
N ASN A 30 2.37 -6.24 3.46
CA ASN A 30 3.48 -6.63 2.59
C ASN A 30 3.23 -8.05 2.11
N HIS A 31 2.56 -8.19 0.96
CA HIS A 31 2.26 -9.52 0.43
C HIS A 31 3.51 -10.23 -0.02
N LYS A 32 4.67 -9.67 0.33
CA LYS A 32 5.95 -10.28 -0.03
C LYS A 32 6.31 -11.37 0.98
N ASN A 33 5.64 -11.34 2.12
CA ASN A 33 5.90 -12.34 3.17
C ASN A 33 4.70 -12.46 4.12
N LYS A 34 3.58 -11.88 3.71
CA LYS A 34 2.37 -11.93 4.53
C LYS A 34 2.67 -11.38 5.93
N THR A 35 3.00 -10.09 5.99
CA THR A 35 3.31 -9.44 7.26
C THR A 35 2.57 -8.11 7.38
N THR A 36 2.50 -7.58 8.60
CA THR A 36 1.81 -6.31 8.85
C THR A 36 2.84 -5.20 9.08
N SER A 37 2.63 -4.02 8.48
CA SER A 37 3.57 -2.91 8.65
C SER A 37 2.84 -1.56 8.64
N TRP A 38 3.09 -0.70 9.63
CA TRP A 38 2.46 0.63 9.65
C TRP A 38 3.23 1.55 8.72
N LEU A 39 4.31 1.01 8.15
CA LEU A 39 5.15 1.76 7.23
C LEU A 39 4.29 2.62 6.29
N ASP A 40 4.46 3.94 6.35
CA ASP A 40 3.68 4.85 5.51
C ASP A 40 3.63 4.32 4.06
N PRO A 41 2.93 4.98 3.18
CA PRO A 41 2.80 4.53 1.76
C PRO A 41 4.17 4.33 1.10
N ARG A 42 4.25 3.29 0.28
CA ARG A 42 5.50 2.97 -0.41
C ARG A 42 5.95 4.12 -1.32
N LEU A 43 5.00 4.76 -2.02
CA LEU A 43 5.35 5.86 -2.93
C LEU A 43 4.79 7.19 -2.41
N GLU A 44 5.37 7.66 -1.32
CA GLU A 44 4.95 8.91 -0.71
C GLU A 44 5.35 10.10 -1.60
N THR A 45 6.45 9.93 -2.33
CA THR A 45 6.94 10.99 -3.21
C THR A 45 6.85 12.35 -2.52
N ARG A 46 7.12 12.36 -1.22
CA ARG A 46 7.07 13.61 -0.46
C ARG A 46 5.71 14.28 -0.62
N GLY A 1 -0.44 21.86 -24.16
CA GLY A 1 -1.87 22.00 -24.57
C GLY A 1 -2.70 20.92 -23.87
N SER A 2 -2.27 20.53 -22.68
CA SER A 2 -2.96 19.52 -21.92
C SER A 2 -2.55 19.58 -20.43
N PRO A 3 -3.41 19.16 -19.53
CA PRO A 3 -3.09 19.18 -18.07
C PRO A 3 -1.96 18.21 -17.73
N ASN A 4 -1.72 17.25 -18.62
CA ASN A 4 -0.67 16.26 -18.41
C ASN A 4 -0.89 15.52 -17.09
N SER A 5 -2.15 15.30 -16.74
CA SER A 5 -2.48 14.60 -15.50
C SER A 5 -2.13 13.12 -15.61
N SER A 6 -1.75 12.53 -14.48
CA SER A 6 -1.38 11.12 -14.44
C SER A 6 -1.39 10.61 -13.00
N PRO A 7 -1.63 9.33 -12.79
CA PRO A 7 -1.63 8.75 -11.42
C PRO A 7 -0.22 8.60 -10.87
N ALA A 8 0.08 9.31 -9.78
CA ALA A 8 1.42 9.22 -9.17
C ALA A 8 1.42 9.92 -7.81
N SER A 9 0.26 10.43 -7.41
CA SER A 9 0.12 11.11 -6.14
C SER A 9 0.42 10.16 -4.99
N GLY A 10 0.07 8.89 -5.17
CA GLY A 10 0.31 7.88 -4.14
C GLY A 10 0.38 6.49 -4.76
N PRO A 11 1.47 6.15 -5.38
CA PRO A 11 1.64 4.82 -6.04
C PRO A 11 1.54 3.66 -5.04
N LEU A 12 1.08 2.51 -5.52
CA LEU A 12 0.96 1.32 -4.68
C LEU A 12 1.63 0.12 -5.39
N PRO A 13 2.90 -0.12 -5.15
CA PRO A 13 3.65 -1.26 -5.79
C PRO A 13 3.06 -2.62 -5.45
N GLU A 14 3.18 -3.57 -6.38
CA GLU A 14 2.67 -4.92 -6.15
C GLU A 14 3.32 -5.51 -4.90
N GLY A 15 2.56 -6.29 -4.13
CA GLY A 15 3.12 -6.88 -2.91
C GLY A 15 3.02 -5.88 -1.76
N TRP A 16 2.13 -4.91 -1.94
CA TRP A 16 1.93 -3.86 -0.96
C TRP A 16 0.56 -3.23 -1.19
N GLU A 17 -0.48 -3.83 -0.60
CA GLU A 17 -1.85 -3.33 -0.78
C GLU A 17 -2.35 -2.73 0.53
N GLN A 18 -2.73 -1.46 0.50
CA GLN A 18 -3.22 -0.76 1.69
C GLN A 18 -4.65 -1.16 1.99
N ALA A 19 -4.93 -1.40 3.27
CA ALA A 19 -6.27 -1.80 3.67
C ALA A 19 -6.46 -1.70 5.18
N ILE A 20 -7.71 -1.73 5.61
CA ILE A 20 -8.05 -1.63 7.03
C ILE A 20 -8.13 -3.03 7.68
N THR A 21 -7.66 -3.15 8.93
CA THR A 21 -7.73 -4.43 9.65
C THR A 21 -9.12 -4.54 10.29
N PRO A 22 -9.44 -5.63 10.93
CA PRO A 22 -10.79 -5.79 11.58
C PRO A 22 -11.08 -4.65 12.56
N GLU A 23 -10.03 -4.14 13.20
CA GLU A 23 -10.20 -3.05 14.17
C GLU A 23 -10.59 -1.75 13.46
N GLY A 24 -10.34 -1.69 12.15
CA GLY A 24 -10.67 -0.49 11.37
C GLY A 24 -9.45 0.44 11.28
N GLU A 25 -8.31 -0.01 11.83
CA GLU A 25 -7.10 0.81 11.79
C GLU A 25 -6.41 0.65 10.44
N ILE A 26 -6.27 1.76 9.70
CA ILE A 26 -5.63 1.69 8.39
C ILE A 26 -4.15 1.33 8.56
N TYR A 27 -3.73 0.37 7.74
CA TYR A 27 -2.36 -0.12 7.78
C TYR A 27 -2.01 -0.74 6.42
N TYR A 28 -0.73 -1.05 6.21
CA TYR A 28 -0.26 -1.59 4.92
C TYR A 28 0.07 -3.08 5.04
N ILE A 29 -0.23 -3.87 3.98
CA ILE A 29 0.01 -5.31 4.00
C ILE A 29 1.16 -5.72 3.09
N ASN A 30 2.12 -6.45 3.66
CA ASN A 30 3.28 -6.95 2.91
C ASN A 30 3.01 -8.40 2.50
N HIS A 31 2.66 -8.64 1.24
CA HIS A 31 2.38 -10.00 0.80
C HIS A 31 3.68 -10.72 0.45
N LYS A 32 4.81 -10.08 0.74
CA LYS A 32 6.11 -10.66 0.47
C LYS A 32 6.52 -11.63 1.58
N ASN A 33 5.78 -11.59 2.69
CA ASN A 33 6.08 -12.47 3.82
C ASN A 33 4.86 -12.63 4.71
N LYS A 34 3.72 -12.13 4.24
CA LYS A 34 2.48 -12.24 5.02
C LYS A 34 2.66 -11.59 6.39
N THR A 35 3.02 -10.31 6.40
CA THR A 35 3.25 -9.57 7.66
C THR A 35 2.59 -8.20 7.59
N THR A 36 2.54 -7.52 8.74
CA THR A 36 1.92 -6.20 8.83
C THR A 36 3.00 -5.13 8.92
N SER A 37 2.82 -4.01 8.22
CA SER A 37 3.82 -2.93 8.24
C SER A 37 3.14 -1.54 8.25
N TRP A 38 3.52 -0.67 9.19
CA TRP A 38 2.93 0.68 9.25
C TRP A 38 3.85 1.67 8.53
N LEU A 39 5.02 1.18 8.10
CA LEU A 39 5.99 2.05 7.41
C LEU A 39 5.65 2.21 5.93
N ASP A 40 5.59 3.46 5.45
CA ASP A 40 5.27 3.73 4.05
C ASP A 40 6.08 2.82 3.12
N PRO A 41 5.46 1.81 2.52
CA PRO A 41 6.19 0.89 1.61
C PRO A 41 6.31 1.45 0.19
N ARG A 42 5.65 2.57 -0.05
CA ARG A 42 5.68 3.19 -1.38
C ARG A 42 7.11 3.61 -1.76
N LEU A 43 7.86 4.19 -0.82
CA LEU A 43 9.24 4.64 -1.12
C LEU A 43 10.30 3.79 -0.37
N GLU A 44 10.11 3.58 0.93
CA GLU A 44 11.06 2.82 1.72
C GLU A 44 10.80 1.31 1.56
N THR A 45 11.40 0.71 0.53
CA THR A 45 11.24 -0.73 0.31
C THR A 45 12.17 -1.21 -0.82
N ARG A 46 12.86 -2.33 -0.60
CA ARG A 46 13.77 -2.86 -1.61
C ARG A 46 14.26 -4.26 -1.23
N GLY A 1 -9.32 9.59 0.28
CA GLY A 1 -10.57 9.68 -0.53
C GLY A 1 -10.31 9.10 -1.92
N SER A 2 -9.77 7.88 -1.95
CA SER A 2 -9.46 7.23 -3.23
C SER A 2 -9.24 5.74 -3.02
N PRO A 3 -10.18 5.06 -2.39
CA PRO A 3 -10.06 3.60 -2.13
C PRO A 3 -10.14 2.77 -3.41
N ASN A 4 -10.68 3.38 -4.47
CA ASN A 4 -10.79 2.71 -5.75
C ASN A 4 -11.07 3.72 -6.86
N SER A 5 -10.04 4.50 -7.21
CA SER A 5 -10.18 5.51 -8.25
C SER A 5 -8.82 5.88 -8.82
N SER A 6 -8.80 6.47 -10.01
CA SER A 6 -7.55 6.88 -10.63
C SER A 6 -6.52 5.75 -10.55
N PRO A 7 -6.65 4.75 -11.39
CA PRO A 7 -5.71 3.58 -11.39
C PRO A 7 -4.41 3.89 -12.13
N ALA A 8 -3.77 4.97 -11.75
CA ALA A 8 -2.48 5.37 -12.38
C ALA A 8 -1.81 6.46 -11.56
N SER A 9 -2.60 7.15 -10.74
CA SER A 9 -2.08 8.21 -9.89
C SER A 9 -1.69 7.66 -8.52
N GLY A 10 -1.95 6.38 -8.31
CA GLY A 10 -1.63 5.75 -7.03
C GLY A 10 -1.81 4.23 -7.11
N PRO A 11 -1.02 3.57 -7.90
CA PRO A 11 -1.10 2.10 -8.08
C PRO A 11 -0.55 1.34 -6.87
N LEU A 12 -0.97 0.08 -6.72
CA LEU A 12 -0.52 -0.75 -5.60
C LEU A 12 -0.02 -2.10 -6.13
N PRO A 13 1.26 -2.22 -6.45
CA PRO A 13 1.83 -3.50 -6.97
C PRO A 13 1.72 -4.64 -5.94
N GLU A 14 1.62 -5.86 -6.43
CA GLU A 14 1.51 -7.02 -5.54
C GLU A 14 2.67 -6.99 -4.54
N GLY A 15 2.41 -7.41 -3.29
CA GLY A 15 3.47 -7.40 -2.26
C GLY A 15 3.32 -6.18 -1.36
N TRP A 16 2.34 -5.33 -1.68
CA TRP A 16 2.10 -4.11 -0.91
C TRP A 16 0.70 -3.58 -1.22
N GLU A 17 -0.29 -4.08 -0.51
CA GLU A 17 -1.69 -3.66 -0.70
C GLU A 17 -2.23 -3.02 0.58
N GLN A 18 -2.66 -1.76 0.49
CA GLN A 18 -3.17 -1.04 1.66
C GLN A 18 -4.61 -1.45 1.99
N ALA A 19 -4.87 -1.65 3.29
CA ALA A 19 -6.22 -2.05 3.71
C ALA A 19 -6.40 -1.88 5.21
N ILE A 20 -7.65 -1.95 5.66
CA ILE A 20 -7.99 -1.79 7.08
C ILE A 20 -8.02 -3.15 7.81
N THR A 21 -7.50 -3.19 9.05
CA THR A 21 -7.51 -4.42 9.84
C THR A 21 -8.93 -4.61 10.42
N PRO A 22 -9.25 -5.75 10.99
CA PRO A 22 -10.60 -5.97 11.56
C PRO A 22 -11.02 -4.84 12.51
N GLU A 23 -10.04 -4.28 13.21
CA GLU A 23 -10.32 -3.18 14.14
C GLU A 23 -10.69 -1.92 13.37
N GLY A 24 -10.34 -1.87 12.08
CA GLY A 24 -10.65 -0.71 11.24
C GLY A 24 -9.46 0.24 11.12
N GLU A 25 -8.33 -0.10 11.77
CA GLU A 25 -7.14 0.77 11.70
C GLU A 25 -6.43 0.59 10.36
N ILE A 26 -6.30 1.68 9.60
CA ILE A 26 -5.64 1.61 8.30
C ILE A 26 -4.16 1.32 8.47
N TYR A 27 -3.69 0.35 7.69
CA TYR A 27 -2.30 -0.08 7.75
C TYR A 27 -1.92 -0.72 6.41
N TYR A 28 -0.62 -0.89 6.16
CA TYR A 28 -0.16 -1.45 4.88
C TYR A 28 0.22 -2.95 5.03
N ILE A 29 -0.14 -3.77 4.03
CA ILE A 29 0.15 -5.21 4.09
C ILE A 29 1.25 -5.59 3.11
N ASN A 30 2.34 -6.15 3.61
CA ASN A 30 3.42 -6.60 2.74
C ASN A 30 3.08 -7.99 2.23
N HIS A 31 2.33 -8.05 1.14
CA HIS A 31 1.92 -9.33 0.57
C HIS A 31 3.16 -10.14 0.17
N LYS A 32 4.34 -9.57 0.41
CA LYS A 32 5.58 -10.25 0.11
C LYS A 32 5.71 -11.52 0.95
N ASN A 33 5.09 -11.51 2.13
CA ASN A 33 5.14 -12.67 3.02
C ASN A 33 3.99 -12.60 4.04
N LYS A 34 2.93 -11.90 3.67
CA LYS A 34 1.77 -11.77 4.55
C LYS A 34 2.20 -11.23 5.92
N THR A 35 2.70 -9.99 5.93
CA THR A 35 3.14 -9.35 7.17
C THR A 35 2.49 -7.99 7.32
N THR A 36 2.60 -7.41 8.51
CA THR A 36 2.00 -6.09 8.78
C THR A 36 3.10 -5.02 8.86
N SER A 37 2.87 -3.86 8.25
CA SER A 37 3.85 -2.76 8.28
C SER A 37 3.13 -1.42 8.42
N TRP A 38 3.49 -0.63 9.45
CA TRP A 38 2.84 0.68 9.67
C TRP A 38 3.74 1.81 9.17
N LEU A 39 4.05 1.84 7.86
CA LEU A 39 4.91 2.90 7.30
C LEU A 39 4.10 3.70 6.27
N ASP A 40 4.38 5.00 6.18
CA ASP A 40 3.66 5.86 5.24
C ASP A 40 3.59 5.20 3.85
N PRO A 41 2.91 5.80 2.91
CA PRO A 41 2.76 5.23 1.53
C PRO A 41 4.10 5.07 0.82
N ARG A 42 4.21 4.01 0.02
CA ARG A 42 5.44 3.73 -0.72
C ARG A 42 5.74 4.87 -1.70
N LEU A 43 4.71 5.42 -2.36
CA LEU A 43 4.92 6.51 -3.33
C LEU A 43 4.37 7.82 -2.76
N GLU A 44 5.11 8.42 -1.84
CA GLU A 44 4.69 9.68 -1.24
C GLU A 44 4.72 10.80 -2.27
N THR A 45 3.73 10.82 -3.16
CA THR A 45 3.63 11.83 -4.20
C THR A 45 5.02 12.18 -4.76
N ARG A 46 5.89 11.18 -4.86
CA ARG A 46 7.24 11.39 -5.38
C ARG A 46 7.96 10.06 -5.53
N GLY A 1 8.49 -1.81 -23.10
CA GLY A 1 8.78 -1.33 -21.72
C GLY A 1 10.12 -0.62 -21.70
N SER A 2 10.09 0.69 -21.45
CA SER A 2 11.32 1.47 -21.40
C SER A 2 12.13 1.10 -20.15
N PRO A 3 13.44 1.16 -20.22
CA PRO A 3 14.32 0.80 -19.06
C PRO A 3 14.19 1.81 -17.91
N ASN A 4 13.65 2.99 -18.22
CA ASN A 4 13.48 4.03 -17.20
C ASN A 4 12.05 4.07 -16.70
N SER A 5 11.28 3.03 -17.02
CA SER A 5 9.89 2.96 -16.58
C SER A 5 9.82 2.58 -15.10
N SER A 6 8.70 2.91 -14.46
CA SER A 6 8.54 2.60 -13.04
C SER A 6 7.14 2.99 -12.57
N PRO A 7 6.15 2.22 -12.92
CA PRO A 7 4.73 2.49 -12.52
C PRO A 7 4.59 2.56 -11.00
N ALA A 8 4.13 3.70 -10.49
CA ALA A 8 3.96 3.87 -9.03
C ALA A 8 3.31 5.21 -8.73
N SER A 9 2.99 5.96 -9.78
CA SER A 9 2.36 7.28 -9.61
C SER A 9 0.95 7.13 -9.06
N GLY A 10 0.41 5.91 -9.16
CA GLY A 10 -0.94 5.67 -8.67
C GLY A 10 -1.20 4.18 -8.43
N PRO A 11 -0.75 3.31 -9.31
CA PRO A 11 -0.97 1.84 -9.17
C PRO A 11 -0.29 1.25 -7.93
N LEU A 12 -0.83 0.14 -7.45
CA LEU A 12 -0.29 -0.55 -6.27
C LEU A 12 0.23 -1.94 -6.68
N PRO A 13 1.49 -2.07 -7.01
CA PRO A 13 2.07 -3.39 -7.43
C PRO A 13 1.87 -4.48 -6.38
N GLU A 14 1.68 -5.72 -6.85
CA GLU A 14 1.47 -6.85 -5.94
C GLU A 14 2.63 -6.95 -4.95
N GLY A 15 2.32 -7.05 -3.64
CA GLY A 15 3.36 -7.15 -2.61
C GLY A 15 3.24 -6.00 -1.62
N TRP A 16 2.35 -5.06 -1.92
CA TRP A 16 2.14 -3.90 -1.05
C TRP A 16 0.77 -3.29 -1.28
N GLU A 17 -0.24 -3.85 -0.62
CA GLU A 17 -1.62 -3.35 -0.74
C GLU A 17 -2.04 -2.69 0.57
N GLN A 18 -2.85 -1.63 0.46
CA GLN A 18 -3.33 -0.91 1.65
C GLN A 18 -4.76 -1.30 2.00
N ALA A 19 -4.99 -1.53 3.29
CA ALA A 19 -6.33 -1.92 3.74
C ALA A 19 -6.46 -1.79 5.26
N ILE A 20 -7.70 -1.85 5.74
CA ILE A 20 -7.99 -1.72 7.17
C ILE A 20 -8.01 -3.10 7.86
N THR A 21 -7.47 -3.19 9.08
CA THR A 21 -7.48 -4.44 9.84
C THR A 21 -8.83 -4.56 10.55
N PRO A 22 -9.12 -5.67 11.19
CA PRO A 22 -10.40 -5.84 11.93
C PRO A 22 -10.62 -4.72 12.94
N GLU A 23 -9.53 -4.19 13.46
CA GLU A 23 -9.60 -3.09 14.43
C GLU A 23 -10.12 -1.82 13.75
N GLY A 24 -10.03 -1.77 12.42
CA GLY A 24 -10.49 -0.59 11.67
C GLY A 24 -9.35 0.41 11.45
N GLU A 25 -8.14 0.06 11.91
CA GLU A 25 -6.98 0.96 11.75
C GLU A 25 -6.33 0.73 10.40
N ILE A 26 -6.20 1.80 9.61
CA ILE A 26 -5.59 1.68 8.29
C ILE A 26 -4.10 1.37 8.43
N TYR A 27 -3.69 0.37 7.66
CA TYR A 27 -2.30 -0.09 7.69
C TYR A 27 -1.96 -0.73 6.34
N TYR A 28 -0.67 -0.94 6.07
CA TYR A 28 -0.23 -1.50 4.77
C TYR A 28 0.10 -2.99 4.91
N ILE A 29 -0.19 -3.78 3.85
CA ILE A 29 0.04 -5.23 3.90
C ILE A 29 1.22 -5.61 3.00
N ASN A 30 2.18 -6.33 3.57
CA ASN A 30 3.33 -6.80 2.80
C ASN A 30 3.07 -8.25 2.37
N HIS A 31 2.51 -8.42 1.18
CA HIS A 31 2.20 -9.76 0.69
C HIS A 31 3.46 -10.46 0.21
N LYS A 32 4.60 -9.94 0.66
CA LYS A 32 5.90 -10.52 0.30
C LYS A 32 6.33 -11.51 1.37
N ASN A 33 5.58 -11.52 2.48
CA ASN A 33 5.88 -12.42 3.58
C ASN A 33 4.67 -12.56 4.50
N LYS A 34 3.53 -12.02 4.05
CA LYS A 34 2.31 -12.08 4.84
C LYS A 34 2.53 -11.46 6.22
N THR A 35 2.97 -10.21 6.24
CA THR A 35 3.22 -9.48 7.48
C THR A 35 2.52 -8.13 7.46
N THR A 36 2.43 -7.50 8.63
CA THR A 36 1.79 -6.18 8.73
C THR A 36 2.84 -5.09 8.93
N SER A 37 2.74 -3.99 8.20
CA SER A 37 3.73 -2.89 8.32
C SER A 37 3.01 -1.53 8.40
N TRP A 38 3.21 -0.80 9.51
CA TRP A 38 2.58 0.51 9.66
C TRP A 38 3.31 1.58 8.84
N LEU A 39 4.48 1.21 8.32
CA LEU A 39 5.28 2.16 7.51
C LEU A 39 4.37 3.03 6.63
N ASP A 40 4.74 4.30 6.45
CA ASP A 40 3.93 5.21 5.65
C ASP A 40 3.84 4.71 4.21
N PRO A 41 3.08 5.36 3.34
CA PRO A 41 2.94 4.91 1.93
C PRO A 41 4.28 4.91 1.18
N ARG A 42 4.48 3.91 0.33
CA ARG A 42 5.71 3.80 -0.43
C ARG A 42 5.85 4.92 -1.46
N LEU A 43 4.73 5.61 -1.76
CA LEU A 43 4.75 6.71 -2.74
C LEU A 43 4.64 8.06 -2.01
N GLU A 44 5.78 8.53 -1.47
CA GLU A 44 5.80 9.81 -0.76
C GLU A 44 7.00 10.64 -1.21
N THR A 45 7.62 10.22 -2.32
CA THR A 45 8.79 10.93 -2.85
C THR A 45 9.69 11.45 -1.74
N ARG A 46 9.83 10.65 -0.68
CA ARG A 46 10.67 11.05 0.45
C ARG A 46 10.20 12.38 1.02
N GLY A 1 -9.03 11.56 3.98
CA GLY A 1 -8.07 12.69 3.79
C GLY A 1 -7.36 12.55 2.45
N SER A 2 -7.53 13.55 1.59
CA SER A 2 -6.89 13.53 0.28
C SER A 2 -7.31 14.75 -0.54
N PRO A 3 -6.51 15.14 -1.50
CA PRO A 3 -6.82 16.33 -2.37
C PRO A 3 -8.05 16.10 -3.22
N ASN A 4 -8.38 14.83 -3.46
CA ASN A 4 -9.56 14.49 -4.25
C ASN A 4 -9.48 15.11 -5.64
N SER A 5 -8.28 15.14 -6.23
CA SER A 5 -8.10 15.71 -7.56
C SER A 5 -8.21 14.62 -8.63
N SER A 6 -9.35 13.96 -8.66
CA SER A 6 -9.60 12.90 -9.64
C SER A 6 -8.56 11.78 -9.49
N PRO A 7 -8.89 10.57 -9.87
CA PRO A 7 -7.94 9.42 -9.78
C PRO A 7 -6.83 9.50 -10.85
N ALA A 8 -5.60 9.73 -10.40
CA ALA A 8 -4.48 9.82 -11.35
C ALA A 8 -3.15 9.82 -10.60
N SER A 9 -3.20 9.63 -9.30
CA SER A 9 -1.99 9.60 -8.47
C SER A 9 -2.19 8.73 -7.24
N GLY A 10 -1.15 7.97 -6.89
CA GLY A 10 -1.21 7.07 -5.72
C GLY A 10 -1.23 5.61 -6.16
N PRO A 11 -0.21 5.16 -6.84
CA PRO A 11 -0.11 3.75 -7.32
C PRO A 11 0.16 2.76 -6.19
N LEU A 12 -0.26 1.50 -6.40
CA LEU A 12 -0.05 0.44 -5.41
C LEU A 12 0.57 -0.79 -6.09
N PRO A 13 1.89 -0.90 -6.11
CA PRO A 13 2.57 -2.07 -6.74
C PRO A 13 2.18 -3.38 -6.05
N GLU A 14 2.14 -4.47 -6.83
CA GLU A 14 1.79 -5.77 -6.25
C GLU A 14 2.73 -6.10 -5.09
N GLY A 15 2.18 -6.70 -4.04
CA GLY A 15 2.98 -7.05 -2.86
C GLY A 15 2.89 -5.95 -1.81
N TRP A 16 2.04 -4.96 -2.09
CA TRP A 16 1.86 -3.84 -1.17
C TRP A 16 0.48 -3.22 -1.40
N GLU A 17 -0.53 -3.80 -0.75
CA GLU A 17 -1.92 -3.29 -0.87
C GLU A 17 -2.38 -2.70 0.46
N GLN A 18 -2.75 -1.41 0.44
CA GLN A 18 -3.21 -0.74 1.65
C GLN A 18 -4.64 -1.14 1.99
N ALA A 19 -4.89 -1.38 3.28
CA ALA A 19 -6.24 -1.77 3.70
C ALA A 19 -6.41 -1.65 5.21
N ILE A 20 -7.67 -1.69 5.65
CA ILE A 20 -8.01 -1.57 7.08
C ILE A 20 -8.09 -2.96 7.76
N THR A 21 -7.51 -3.10 8.96
CA THR A 21 -7.58 -4.36 9.69
C THR A 21 -8.96 -4.47 10.35
N PRO A 22 -9.41 -5.67 10.67
CA PRO A 22 -10.73 -5.83 11.34
C PRO A 22 -10.91 -4.82 12.48
N GLU A 23 -9.80 -4.34 13.03
CA GLU A 23 -9.85 -3.35 14.13
C GLU A 23 -10.30 -1.99 13.62
N GLY A 24 -10.14 -1.75 12.30
CA GLY A 24 -10.55 -0.46 11.71
C GLY A 24 -9.35 0.48 11.53
N GLU A 25 -8.14 0.02 11.88
CA GLU A 25 -6.94 0.87 11.74
C GLU A 25 -6.32 0.70 10.37
N ILE A 26 -6.13 1.80 9.64
CA ILE A 26 -5.55 1.73 8.31
C ILE A 26 -4.07 1.35 8.43
N TYR A 27 -3.68 0.38 7.61
CA TYR A 27 -2.30 -0.11 7.64
C TYR A 27 -1.94 -0.74 6.29
N TYR A 28 -0.64 -0.96 6.05
CA TYR A 28 -0.17 -1.51 4.78
C TYR A 28 0.15 -3.01 4.89
N ILE A 29 -0.15 -3.79 3.84
CA ILE A 29 0.09 -5.23 3.86
C ILE A 29 1.22 -5.63 2.92
N ASN A 30 2.18 -6.39 3.44
CA ASN A 30 3.31 -6.87 2.64
C ASN A 30 3.11 -8.36 2.33
N HIS A 31 2.60 -8.67 1.14
CA HIS A 31 2.37 -10.07 0.77
C HIS A 31 3.67 -10.72 0.30
N LYS A 32 4.79 -10.09 0.63
CA LYS A 32 6.10 -10.62 0.26
C LYS A 32 6.63 -11.52 1.37
N ASN A 33 5.96 -11.47 2.53
CA ASN A 33 6.37 -12.29 3.67
C ASN A 33 5.18 -12.50 4.61
N LYS A 34 4.00 -12.05 4.19
CA LYS A 34 2.80 -12.20 4.99
C LYS A 34 3.00 -11.57 6.37
N THR A 35 3.26 -10.26 6.39
CA THR A 35 3.46 -9.55 7.65
C THR A 35 2.68 -8.23 7.64
N THR A 36 2.45 -7.68 8.83
CA THR A 36 1.72 -6.41 8.96
C THR A 36 2.69 -5.30 9.35
N SER A 37 2.59 -4.12 8.71
CA SER A 37 3.50 -3.02 9.06
C SER A 37 2.82 -1.66 8.82
N TRP A 38 3.20 -0.65 9.62
CA TRP A 38 2.62 0.69 9.48
C TRP A 38 3.38 1.51 8.44
N LEU A 39 4.23 0.84 7.68
CA LEU A 39 5.02 1.49 6.65
C LEU A 39 4.17 2.54 5.90
N ASP A 40 4.46 3.82 6.13
CA ASP A 40 3.72 4.90 5.48
C ASP A 40 3.60 4.62 3.97
N PRO A 41 2.92 5.47 3.23
CA PRO A 41 2.74 5.26 1.75
C PRO A 41 4.08 5.22 1.02
N ARG A 42 4.15 4.39 -0.01
CA ARG A 42 5.37 4.24 -0.80
C ARG A 42 5.74 5.51 -1.58
N LEU A 43 4.75 6.22 -2.14
CA LEU A 43 5.04 7.42 -2.94
C LEU A 43 4.31 8.66 -2.40
N GLU A 44 4.79 9.20 -1.29
CA GLU A 44 4.19 10.40 -0.69
C GLU A 44 5.26 11.21 0.02
N THR A 45 6.52 10.87 -0.24
CA THR A 45 7.64 11.59 0.37
C THR A 45 8.96 11.17 -0.29
N ARG A 46 9.70 12.14 -0.85
CA ARG A 46 10.97 11.83 -1.50
C ARG A 46 10.75 10.79 -2.60
N GLY A 1 0.30 -10.53 -27.60
CA GLY A 1 1.71 -10.14 -27.88
C GLY A 1 2.30 -9.42 -26.69
N SER A 2 1.59 -8.39 -26.22
CA SER A 2 2.05 -7.61 -25.07
C SER A 2 2.21 -8.53 -23.85
N PRO A 3 3.11 -8.22 -22.95
CA PRO A 3 3.33 -9.05 -21.72
C PRO A 3 2.12 -9.03 -20.79
N ASN A 4 1.31 -7.97 -20.90
CA ASN A 4 0.13 -7.83 -20.05
C ASN A 4 -0.92 -6.95 -20.73
N SER A 5 -2.00 -7.57 -21.20
CA SER A 5 -3.08 -6.84 -21.87
C SER A 5 -4.39 -6.99 -21.09
N SER A 6 -4.33 -7.77 -20.02
CA SER A 6 -5.52 -8.00 -19.17
C SER A 6 -5.36 -7.26 -17.84
N PRO A 7 -6.44 -6.88 -17.20
CA PRO A 7 -6.37 -6.17 -15.89
C PRO A 7 -5.30 -6.77 -14.98
N ALA A 8 -4.25 -6.00 -14.71
CA ALA A 8 -3.17 -6.49 -13.82
C ALA A 8 -2.16 -5.39 -13.55
N SER A 9 -2.66 -4.18 -13.30
CA SER A 9 -1.79 -3.03 -13.02
C SER A 9 -2.52 -2.01 -12.18
N GLY A 10 -1.78 -1.12 -11.53
CA GLY A 10 -2.40 -0.09 -10.68
C GLY A 10 -1.33 0.69 -9.92
N PRO A 11 -1.74 1.67 -9.15
CA PRO A 11 -0.81 2.51 -8.35
C PRO A 11 -0.31 1.77 -7.11
N LEU A 12 -0.75 0.53 -6.95
CA LEU A 12 -0.35 -0.31 -5.82
C LEU A 12 0.15 -1.67 -6.35
N PRO A 13 1.44 -1.82 -6.60
CA PRO A 13 2.01 -3.11 -7.10
C PRO A 13 1.78 -4.24 -6.11
N GLU A 14 1.63 -5.47 -6.63
CA GLU A 14 1.41 -6.63 -5.76
C GLU A 14 2.58 -6.75 -4.77
N GLY A 15 2.28 -7.13 -3.53
CA GLY A 15 3.31 -7.26 -2.50
C GLY A 15 3.20 -6.10 -1.50
N TRP A 16 2.27 -5.19 -1.79
CA TRP A 16 2.04 -4.03 -0.95
C TRP A 16 0.67 -3.43 -1.25
N GLU A 17 -0.36 -3.98 -0.64
CA GLU A 17 -1.74 -3.49 -0.85
C GLU A 17 -2.28 -2.91 0.46
N GLN A 18 -2.66 -1.62 0.42
CA GLN A 18 -3.18 -0.95 1.62
C GLN A 18 -4.58 -1.44 1.95
N ALA A 19 -4.82 -1.68 3.24
CA ALA A 19 -6.13 -2.15 3.68
C ALA A 19 -6.29 -2.00 5.19
N ILE A 20 -7.53 -2.13 5.66
CA ILE A 20 -7.84 -1.98 7.08
C ILE A 20 -7.79 -3.32 7.82
N THR A 21 -7.23 -3.31 9.05
CA THR A 21 -7.16 -4.53 9.86
C THR A 21 -8.53 -4.75 10.52
N PRO A 22 -8.72 -5.84 11.24
CA PRO A 22 -10.03 -6.12 11.91
C PRO A 22 -10.45 -4.97 12.83
N GLU A 23 -9.46 -4.28 13.38
CA GLU A 23 -9.73 -3.15 14.29
C GLU A 23 -10.27 -1.95 13.51
N GLY A 24 -10.05 -1.95 12.19
CA GLY A 24 -10.53 -0.84 11.34
C GLY A 24 -9.43 0.21 11.15
N GLU A 25 -8.25 -0.02 11.73
CA GLU A 25 -7.15 0.93 11.58
C GLU A 25 -6.44 0.72 10.24
N ILE A 26 -6.37 1.77 9.43
CA ILE A 26 -5.72 1.66 8.13
C ILE A 26 -4.22 1.47 8.31
N TYR A 27 -3.70 0.49 7.59
CA TYR A 27 -2.30 0.13 7.65
C TYR A 27 -1.91 -0.58 6.34
N TYR A 28 -0.61 -0.77 6.11
CA TYR A 28 -0.16 -1.38 4.85
C TYR A 28 0.17 -2.88 5.04
N ILE A 29 -0.14 -3.71 4.02
CA ILE A 29 0.10 -5.15 4.11
C ILE A 29 1.23 -5.58 3.18
N ASN A 30 2.23 -6.26 3.74
CA ASN A 30 3.33 -6.76 2.93
C ASN A 30 2.93 -8.10 2.33
N HIS A 31 2.22 -8.07 1.22
CA HIS A 31 1.78 -9.31 0.59
C HIS A 31 2.97 -10.16 0.20
N LYS A 32 4.16 -9.57 0.27
CA LYS A 32 5.38 -10.30 -0.06
C LYS A 32 5.55 -11.52 0.86
N ASN A 33 5.36 -11.31 2.16
CA ASN A 33 5.50 -12.38 3.15
C ASN A 33 4.29 -12.46 4.07
N LYS A 34 3.22 -11.76 3.71
CA LYS A 34 2.00 -11.77 4.52
C LYS A 34 2.31 -11.29 5.94
N THR A 35 2.80 -10.06 6.06
CA THR A 35 3.13 -9.46 7.36
C THR A 35 2.51 -8.08 7.46
N THR A 36 2.45 -7.55 8.69
CA THR A 36 1.85 -6.23 8.92
C THR A 36 2.94 -5.19 9.21
N SER A 37 2.85 -4.02 8.57
CA SER A 37 3.85 -2.96 8.79
C SER A 37 3.19 -1.58 8.63
N TRP A 38 3.38 -0.68 9.62
CA TRP A 38 2.77 0.65 9.55
C TRP A 38 3.60 1.60 8.67
N LEU A 39 4.74 1.12 8.19
CA LEU A 39 5.62 1.97 7.36
C LEU A 39 4.78 2.80 6.38
N ASP A 40 5.07 4.11 6.32
CA ASP A 40 4.33 5.03 5.46
C ASP A 40 4.22 4.48 4.02
N PRO A 41 3.52 5.16 3.14
CA PRO A 41 3.35 4.70 1.73
C PRO A 41 4.68 4.55 0.99
N ARG A 42 4.74 3.57 0.09
CA ARG A 42 5.94 3.29 -0.67
C ARG A 42 6.37 4.48 -1.54
N LEU A 43 5.41 5.17 -2.18
CA LEU A 43 5.76 6.30 -3.07
C LEU A 43 5.45 7.64 -2.42
N GLU A 44 6.33 8.10 -1.52
CA GLU A 44 6.17 9.39 -0.86
C GLU A 44 7.14 10.41 -1.44
N THR A 45 8.07 9.92 -2.25
CA THR A 45 9.07 10.79 -2.87
C THR A 45 9.58 11.84 -1.89
N ARG A 46 9.68 11.45 -0.62
CA ARG A 46 10.16 12.36 0.42
C ARG A 46 9.32 13.63 0.45
N GLY A 1 7.21 2.40 -33.37
CA GLY A 1 7.23 1.01 -32.86
C GLY A 1 5.81 0.60 -32.47
N SER A 2 5.50 0.65 -31.19
CA SER A 2 4.18 0.28 -30.70
C SER A 2 3.97 0.79 -29.28
N PRO A 3 3.80 2.08 -29.12
CA PRO A 3 3.57 2.71 -27.79
C PRO A 3 2.33 2.15 -27.08
N ASN A 4 2.38 0.88 -26.71
CA ASN A 4 1.27 0.22 -26.02
C ASN A 4 1.62 -0.05 -24.57
N SER A 5 2.77 0.47 -24.15
CA SER A 5 3.24 0.28 -22.78
C SER A 5 4.24 1.37 -22.41
N SER A 6 4.45 1.58 -21.10
CA SER A 6 5.40 2.59 -20.66
C SER A 6 5.63 2.48 -19.15
N PRO A 7 6.29 1.43 -18.71
CA PRO A 7 6.59 1.20 -17.26
C PRO A 7 7.37 2.37 -16.65
N ALA A 8 6.80 3.00 -15.63
CA ALA A 8 7.48 4.13 -14.96
C ALA A 8 6.70 4.57 -13.73
N SER A 9 5.51 3.97 -13.54
CA SER A 9 4.67 4.31 -12.40
C SER A 9 4.13 3.04 -11.73
N GLY A 10 3.82 3.15 -10.44
CA GLY A 10 3.29 2.02 -9.68
C GLY A 10 2.99 2.44 -8.24
N PRO A 11 1.99 3.26 -8.04
CA PRO A 11 1.61 3.74 -6.68
C PRO A 11 1.40 2.60 -5.70
N LEU A 12 0.77 1.54 -6.18
CA LEU A 12 0.52 0.35 -5.35
C LEU A 12 1.00 -0.90 -6.11
N PRO A 13 2.23 -1.32 -5.92
CA PRO A 13 2.76 -2.54 -6.60
C PRO A 13 2.37 -3.83 -5.89
N GLU A 14 2.27 -4.92 -6.64
CA GLU A 14 1.90 -6.21 -6.06
C GLU A 14 2.74 -6.47 -4.80
N GLY A 15 2.13 -7.07 -3.77
CA GLY A 15 2.87 -7.34 -2.53
C GLY A 15 2.88 -6.12 -1.64
N TRP A 16 1.94 -5.20 -1.89
CA TRP A 16 1.84 -3.98 -1.10
C TRP A 16 0.46 -3.38 -1.29
N GLU A 17 -0.54 -3.95 -0.60
CA GLU A 17 -1.92 -3.47 -0.69
C GLU A 17 -2.35 -2.84 0.63
N GLN A 18 -2.75 -1.58 0.58
CA GLN A 18 -3.20 -0.87 1.79
C GLN A 18 -4.64 -1.25 2.10
N ALA A 19 -4.91 -1.47 3.38
CA ALA A 19 -6.26 -1.85 3.78
C ALA A 19 -6.48 -1.64 5.28
N ILE A 20 -7.75 -1.52 5.67
CA ILE A 20 -8.11 -1.30 7.07
C ILE A 20 -8.33 -2.64 7.80
N THR A 21 -7.82 -2.77 9.03
CA THR A 21 -8.01 -4.00 9.79
C THR A 21 -9.44 -4.03 10.34
N PRO A 22 -9.96 -5.18 10.66
CA PRO A 22 -11.33 -5.27 11.24
C PRO A 22 -11.56 -4.20 12.32
N GLU A 23 -10.48 -3.78 12.97
CA GLU A 23 -10.56 -2.77 14.03
C GLU A 23 -10.86 -1.38 13.43
N GLY A 24 -10.53 -1.17 12.16
CA GLY A 24 -10.79 0.12 11.50
C GLY A 24 -9.49 0.94 11.35
N GLU A 25 -8.35 0.41 11.81
CA GLU A 25 -7.09 1.15 11.71
C GLU A 25 -6.41 0.91 10.36
N ILE A 26 -6.10 1.99 9.63
CA ILE A 26 -5.44 1.85 8.33
C ILE A 26 -4.00 1.42 8.51
N TYR A 27 -3.58 0.43 7.70
CA TYR A 27 -2.22 -0.08 7.78
C TYR A 27 -1.87 -0.76 6.45
N TYR A 28 -0.56 -1.00 6.20
CA TYR A 28 -0.12 -1.57 4.92
C TYR A 28 0.22 -3.08 5.04
N ILE A 29 -0.15 -3.87 4.01
CA ILE A 29 0.11 -5.32 4.01
C ILE A 29 1.15 -5.69 2.95
N ASN A 30 2.14 -6.51 3.34
CA ASN A 30 3.19 -6.95 2.43
C ASN A 30 3.04 -8.46 2.18
N HIS A 31 2.84 -8.86 0.92
CA HIS A 31 2.68 -10.28 0.60
C HIS A 31 4.02 -10.89 0.20
N LYS A 32 5.10 -10.17 0.47
CA LYS A 32 6.44 -10.65 0.15
C LYS A 32 6.94 -11.62 1.22
N ASN A 33 6.27 -11.62 2.37
CA ASN A 33 6.65 -12.52 3.46
C ASN A 33 5.45 -12.73 4.40
N LYS A 34 4.27 -12.33 3.95
CA LYS A 34 3.06 -12.48 4.77
C LYS A 34 3.24 -11.71 6.07
N THR A 35 3.60 -10.43 5.94
CA THR A 35 3.80 -9.56 7.09
C THR A 35 3.09 -8.23 6.86
N THR A 36 2.91 -7.47 7.93
CA THR A 36 2.24 -6.17 7.83
C THR A 36 2.86 -5.17 8.80
N SER A 37 2.70 -3.87 8.51
CA SER A 37 3.27 -2.85 9.37
C SER A 37 2.53 -1.51 9.22
N TRP A 38 2.72 -0.59 10.17
CA TRP A 38 2.08 0.72 10.10
C TRP A 38 2.90 1.68 9.23
N LEU A 39 4.07 1.23 8.78
CA LEU A 39 4.95 2.08 7.97
C LEU A 39 4.15 2.98 7.02
N ASP A 40 4.67 4.17 6.75
CA ASP A 40 3.98 5.14 5.89
C ASP A 40 3.92 4.63 4.44
N PRO A 41 3.27 5.35 3.55
CA PRO A 41 3.14 4.94 2.12
C PRO A 41 4.51 4.76 1.45
N ARG A 42 4.58 3.78 0.54
CA ARG A 42 5.83 3.48 -0.15
C ARG A 42 6.33 4.71 -0.93
N LEU A 43 5.41 5.48 -1.52
CA LEU A 43 5.81 6.66 -2.31
C LEU A 43 5.30 7.94 -1.64
N GLU A 44 5.94 8.30 -0.53
CA GLU A 44 5.56 9.50 0.21
C GLU A 44 5.89 10.75 -0.58
N THR A 45 6.85 10.64 -1.49
CA THR A 45 7.27 11.77 -2.31
C THR A 45 7.42 13.03 -1.46
N ARG A 46 7.91 12.86 -0.24
CA ARG A 46 8.11 13.98 0.67
C ARG A 46 8.79 13.49 1.95
N GLY A 1 0.96 7.41 -21.26
CA GLY A 1 0.72 6.25 -22.15
C GLY A 1 1.41 5.01 -21.59
N SER A 2 1.12 4.69 -20.34
CA SER A 2 1.72 3.53 -19.69
C SER A 2 0.98 3.19 -18.39
N PRO A 3 0.90 1.92 -18.03
CA PRO A 3 0.21 1.49 -16.77
C PRO A 3 0.92 2.00 -15.52
N ASN A 4 2.20 2.34 -15.67
CA ASN A 4 3.00 2.85 -14.56
C ASN A 4 3.17 4.37 -14.66
N SER A 5 2.41 4.98 -15.57
CA SER A 5 2.49 6.43 -15.76
C SER A 5 2.05 7.15 -14.49
N SER A 6 1.07 6.59 -13.79
CA SER A 6 0.58 7.20 -12.56
C SER A 6 0.19 8.66 -12.79
N PRO A 7 -0.83 8.90 -13.57
CA PRO A 7 -1.30 10.27 -13.88
C PRO A 7 -2.08 10.87 -12.71
N ALA A 8 -2.40 10.04 -11.72
CA ALA A 8 -3.15 10.51 -10.55
C ALA A 8 -3.02 9.50 -9.39
N SER A 9 -3.16 9.93 -8.13
CA SER A 9 -3.04 9.00 -7.02
C SER A 9 -4.05 7.86 -7.17
N GLY A 10 -3.61 6.65 -6.87
CA GLY A 10 -4.48 5.48 -6.99
C GLY A 10 -3.65 4.19 -7.05
N PRO A 11 -2.62 4.19 -7.85
CA PRO A 11 -1.71 3.01 -8.01
C PRO A 11 -0.99 2.65 -6.70
N LEU A 12 -0.75 1.35 -6.50
CA LEU A 12 -0.06 0.86 -5.31
C LEU A 12 1.10 -0.07 -5.74
N PRO A 13 2.27 -0.01 -5.12
CA PRO A 13 3.41 -0.90 -5.53
C PRO A 13 3.02 -2.38 -5.47
N GLU A 14 3.56 -3.18 -6.39
CA GLU A 14 3.26 -4.62 -6.41
C GLU A 14 3.85 -5.29 -5.17
N GLY A 15 3.11 -6.22 -4.57
CA GLY A 15 3.60 -6.91 -3.37
C GLY A 15 3.36 -6.02 -2.15
N TRP A 16 2.37 -5.14 -2.27
CA TRP A 16 2.02 -4.21 -1.22
C TRP A 16 0.64 -3.65 -1.49
N GLU A 17 -0.28 -3.91 -0.57
CA GLU A 17 -1.66 -3.42 -0.69
C GLU A 17 -2.07 -2.77 0.63
N GLN A 18 -2.96 -1.78 0.55
CA GLN A 18 -3.44 -1.07 1.75
C GLN A 18 -4.83 -1.52 2.13
N ALA A 19 -5.07 -1.69 3.42
CA ALA A 19 -6.38 -2.14 3.90
C ALA A 19 -6.56 -1.90 5.39
N ILE A 20 -7.81 -1.82 5.81
CA ILE A 20 -8.16 -1.58 7.22
C ILE A 20 -8.33 -2.92 7.98
N THR A 21 -7.83 -2.99 9.21
CA THR A 21 -7.98 -4.20 10.01
C THR A 21 -9.38 -4.19 10.64
N PRO A 22 -9.79 -5.23 11.34
CA PRO A 22 -11.14 -5.27 11.97
C PRO A 22 -11.35 -4.08 12.91
N GLU A 23 -10.25 -3.59 13.48
CA GLU A 23 -10.31 -2.45 14.40
C GLU A 23 -10.62 -1.16 13.62
N GLY A 24 -10.43 -1.20 12.31
CA GLY A 24 -10.69 -0.02 11.47
C GLY A 24 -9.43 0.83 11.32
N GLU A 25 -8.32 0.40 11.93
CA GLU A 25 -7.07 1.15 11.83
C GLU A 25 -6.39 0.86 10.49
N ILE A 26 -6.20 1.90 9.68
CA ILE A 26 -5.57 1.71 8.38
C ILE A 26 -4.11 1.32 8.55
N TYR A 27 -3.72 0.29 7.80
CA TYR A 27 -2.36 -0.23 7.86
C TYR A 27 -2.01 -0.83 6.49
N TYR A 28 -0.72 -1.11 6.26
CA TYR A 28 -0.28 -1.63 4.95
C TYR A 28 0.14 -3.11 5.07
N ILE A 29 -0.09 -3.89 4.00
CA ILE A 29 0.23 -5.33 4.00
C ILE A 29 1.43 -5.66 3.12
N ASN A 30 2.32 -6.50 3.64
CA ASN A 30 3.49 -6.95 2.88
C ASN A 30 3.22 -8.35 2.35
N HIS A 31 2.86 -8.47 1.07
CA HIS A 31 2.58 -9.78 0.48
C HIS A 31 3.87 -10.50 0.11
N LYS A 32 4.99 -9.96 0.59
CA LYS A 32 6.29 -10.56 0.33
C LYS A 32 6.61 -11.60 1.40
N ASN A 33 5.78 -11.61 2.44
CA ASN A 33 5.97 -12.55 3.54
C ASN A 33 4.75 -12.51 4.45
N LYS A 34 3.64 -12.01 3.91
CA LYS A 34 2.40 -11.92 4.67
C LYS A 34 2.67 -11.38 6.09
N THR A 35 2.77 -10.07 6.21
CA THR A 35 3.01 -9.44 7.51
C THR A 35 2.31 -8.10 7.57
N THR A 36 2.19 -7.55 8.79
CA THR A 36 1.55 -6.25 8.98
C THR A 36 2.62 -5.20 9.29
N SER A 37 2.56 -4.03 8.64
CA SER A 37 3.55 -2.99 8.91
C SER A 37 2.99 -1.60 8.58
N TRP A 38 3.52 -0.55 9.24
CA TRP A 38 3.07 0.82 9.00
C TRP A 38 3.95 1.52 7.96
N LEU A 39 5.02 0.84 7.55
CA LEU A 39 5.94 1.42 6.57
C LEU A 39 5.25 1.64 5.22
N ASP A 40 5.45 2.84 4.64
CA ASP A 40 4.82 3.17 3.35
C ASP A 40 5.75 2.81 2.18
N PRO A 41 5.42 1.81 1.38
CA PRO A 41 6.27 1.41 0.22
C PRO A 41 5.95 2.25 -1.02
N ARG A 42 4.98 3.14 -0.89
CA ARG A 42 4.57 3.99 -2.00
C ARG A 42 5.73 4.87 -2.48
N LEU A 43 6.54 5.38 -1.55
CA LEU A 43 7.67 6.24 -1.92
C LEU A 43 8.95 5.76 -1.25
N GLU A 44 9.50 4.65 -1.78
CA GLU A 44 10.74 4.08 -1.23
C GLU A 44 11.65 3.62 -2.36
N THR A 45 12.95 3.82 -2.21
CA THR A 45 13.92 3.41 -3.23
C THR A 45 15.36 3.61 -2.75
N ARG A 46 16.16 2.54 -2.72
CA ARG A 46 17.55 2.65 -2.28
C ARG A 46 18.29 1.33 -2.49
N GLY A 1 2.40 12.07 -26.42
CA GLY A 1 1.29 13.05 -26.32
C GLY A 1 1.20 13.57 -24.88
N SER A 2 0.06 14.15 -24.54
CA SER A 2 -0.15 14.68 -23.19
C SER A 2 -1.63 14.89 -22.93
N PRO A 3 -2.43 13.87 -23.14
CA PRO A 3 -3.90 13.93 -22.91
C PRO A 3 -4.24 14.13 -21.43
N ASN A 4 -3.31 13.76 -20.55
CA ASN A 4 -3.51 13.91 -19.12
C ASN A 4 -2.17 14.00 -18.39
N SER A 5 -1.94 15.12 -17.71
CA SER A 5 -0.69 15.30 -16.98
C SER A 5 -0.56 14.29 -15.85
N SER A 6 -1.70 13.95 -15.23
CA SER A 6 -1.70 12.99 -14.13
C SER A 6 -0.87 13.51 -12.96
N PRO A 7 -1.31 14.57 -12.34
CA PRO A 7 -0.60 15.19 -11.18
C PRO A 7 -1.00 14.51 -9.86
N ALA A 8 -0.88 13.19 -9.82
CA ALA A 8 -1.24 12.44 -8.59
C ALA A 8 -0.83 10.97 -8.73
N SER A 9 0.45 10.72 -8.98
CA SER A 9 0.94 9.35 -9.12
C SER A 9 0.86 8.61 -7.79
N GLY A 10 0.84 7.29 -7.85
CA GLY A 10 0.76 6.48 -6.64
C GLY A 10 0.29 5.06 -6.97
N PRO A 11 1.08 4.31 -7.68
CA PRO A 11 0.73 2.92 -8.06
C PRO A 11 0.86 1.93 -6.90
N LEU A 12 0.14 0.82 -7.00
CA LEU A 12 0.17 -0.23 -5.97
C LEU A 12 0.42 -1.59 -6.63
N PRO A 13 1.65 -2.04 -6.73
CA PRO A 13 1.95 -3.36 -7.36
C PRO A 13 1.70 -4.53 -6.41
N GLU A 14 1.41 -5.70 -6.96
CA GLU A 14 1.15 -6.87 -6.12
C GLU A 14 2.32 -7.10 -5.17
N GLY A 15 2.06 -7.00 -3.86
CA GLY A 15 3.11 -7.16 -2.85
C GLY A 15 3.01 -6.04 -1.83
N TRP A 16 2.11 -5.10 -2.10
CA TRP A 16 1.90 -3.96 -1.22
C TRP A 16 0.54 -3.34 -1.52
N GLU A 17 -0.47 -3.73 -0.73
CA GLU A 17 -1.83 -3.19 -0.89
C GLU A 17 -2.34 -2.62 0.43
N GLN A 18 -2.76 -1.36 0.40
CA GLN A 18 -3.26 -0.70 1.62
C GLN A 18 -4.66 -1.19 1.97
N ALA A 19 -4.87 -1.47 3.25
CA ALA A 19 -6.18 -1.97 3.69
C ALA A 19 -6.34 -1.82 5.20
N ILE A 20 -7.59 -1.90 5.65
CA ILE A 20 -7.91 -1.78 7.07
C ILE A 20 -7.89 -3.15 7.76
N THR A 21 -7.34 -3.22 8.99
CA THR A 21 -7.31 -4.47 9.74
C THR A 21 -8.67 -4.66 10.41
N PRO A 22 -8.92 -5.79 11.04
CA PRO A 22 -10.22 -6.03 11.72
C PRO A 22 -10.54 -4.92 12.72
N GLU A 23 -9.49 -4.34 13.30
CA GLU A 23 -9.67 -3.24 14.26
C GLU A 23 -10.21 -2.00 13.55
N GLY A 24 -10.07 -1.95 12.23
CA GLY A 24 -10.55 -0.82 11.44
C GLY A 24 -9.46 0.23 11.25
N GLU A 25 -8.25 -0.03 11.78
CA GLU A 25 -7.14 0.91 11.66
C GLU A 25 -6.44 0.74 10.32
N ILE A 26 -6.35 1.82 9.54
CA ILE A 26 -5.71 1.75 8.24
C ILE A 26 -4.22 1.51 8.41
N TYR A 27 -3.73 0.55 7.64
CA TYR A 27 -2.34 0.15 7.69
C TYR A 27 -1.97 -0.50 6.36
N TYR A 28 -0.67 -0.73 6.11
CA TYR A 28 -0.22 -1.31 4.83
C TYR A 28 0.09 -2.81 4.97
N ILE A 29 -0.18 -3.59 3.91
CA ILE A 29 0.05 -5.05 3.94
C ILE A 29 1.22 -5.45 3.05
N ASN A 30 2.10 -6.28 3.60
CA ASN A 30 3.24 -6.80 2.84
C ASN A 30 2.98 -8.26 2.50
N HIS A 31 2.56 -8.53 1.26
CA HIS A 31 2.25 -9.90 0.85
C HIS A 31 3.52 -10.60 0.37
N LYS A 32 4.66 -9.98 0.65
CA LYS A 32 5.95 -10.55 0.26
C LYS A 32 6.39 -11.58 1.30
N ASN A 33 5.77 -11.52 2.48
CA ASN A 33 6.10 -12.44 3.56
C ASN A 33 4.92 -12.63 4.50
N LYS A 34 3.75 -12.14 4.10
CA LYS A 34 2.55 -12.26 4.94
C LYS A 34 2.79 -11.63 6.30
N THR A 35 3.18 -10.35 6.30
CA THR A 35 3.44 -9.63 7.54
C THR A 35 2.71 -8.29 7.52
N THR A 36 2.50 -7.71 8.70
CA THR A 36 1.81 -6.42 8.81
C THR A 36 2.81 -5.33 9.18
N SER A 37 2.69 -4.14 8.56
CA SER A 37 3.63 -3.05 8.89
C SER A 37 2.93 -1.69 8.79
N TRP A 38 3.35 -0.72 9.62
CA TRP A 38 2.74 0.62 9.61
C TRP A 38 3.53 1.56 8.71
N LEU A 39 4.64 1.07 8.16
CA LEU A 39 5.49 1.90 7.29
C LEU A 39 4.64 2.80 6.39
N ASP A 40 5.10 4.05 6.20
CA ASP A 40 4.35 5.01 5.38
C ASP A 40 4.26 4.52 3.93
N PRO A 41 3.56 5.23 3.07
CA PRO A 41 3.41 4.83 1.65
C PRO A 41 4.76 4.70 0.93
N ARG A 42 4.85 3.75 0.01
CA ARG A 42 6.09 3.52 -0.73
C ARG A 42 6.38 4.70 -1.68
N LEU A 43 5.37 5.21 -2.39
CA LEU A 43 5.61 6.32 -3.33
C LEU A 43 4.42 7.29 -3.33
N GLU A 44 4.07 7.80 -2.15
CA GLU A 44 2.95 8.76 -2.04
C GLU A 44 3.17 9.66 -0.83
N THR A 45 4.28 10.42 -0.86
CA THR A 45 4.60 11.33 0.24
C THR A 45 5.81 12.18 -0.12
N ARG A 46 5.94 12.53 -1.40
CA ARG A 46 7.05 13.35 -1.86
C ARG A 46 6.88 13.71 -3.33
N GLY A 1 -3.18 21.44 -12.11
CA GLY A 1 -1.82 21.15 -11.59
C GLY A 1 -1.06 20.29 -12.59
N SER A 2 -1.80 19.46 -13.34
CA SER A 2 -1.20 18.60 -14.35
C SER A 2 -2.29 17.90 -15.15
N PRO A 3 -2.01 17.54 -16.39
CA PRO A 3 -3.01 16.85 -17.27
C PRO A 3 -3.28 15.42 -16.79
N ASN A 4 -2.41 14.92 -15.93
CA ASN A 4 -2.56 13.56 -15.40
C ASN A 4 -2.60 12.54 -16.54
N SER A 5 -1.86 12.82 -17.60
CA SER A 5 -1.82 11.91 -18.75
C SER A 5 -1.08 10.63 -18.38
N SER A 6 -0.31 10.70 -17.29
CA SER A 6 0.46 9.54 -16.84
C SER A 6 0.39 9.41 -15.31
N PRO A 7 -0.70 8.91 -14.80
CA PRO A 7 -0.89 8.73 -13.33
C PRO A 7 0.24 7.89 -12.72
N ALA A 8 0.86 8.37 -11.64
CA ALA A 8 1.95 7.62 -10.99
C ALA A 8 2.38 8.33 -9.71
N SER A 9 1.48 9.12 -9.14
CA SER A 9 1.77 9.85 -7.92
C SER A 9 1.99 8.90 -6.74
N GLY A 10 1.41 7.70 -6.83
CA GLY A 10 1.57 6.72 -5.75
C GLY A 10 1.11 5.34 -6.19
N PRO A 11 1.91 4.66 -6.97
CA PRO A 11 1.60 3.29 -7.47
C PRO A 11 1.52 2.26 -6.34
N LEU A 12 0.73 1.19 -6.58
CA LEU A 12 0.57 0.11 -5.59
C LEU A 12 0.84 -1.23 -6.27
N PRO A 13 2.06 -1.71 -6.28
CA PRO A 13 2.40 -3.02 -6.93
C PRO A 13 2.04 -4.21 -6.04
N GLU A 14 1.82 -5.37 -6.66
CA GLU A 14 1.48 -6.57 -5.91
C GLU A 14 2.55 -6.83 -4.84
N GLY A 15 2.13 -6.93 -3.57
CA GLY A 15 3.08 -7.17 -2.47
C GLY A 15 3.04 -6.01 -1.48
N TRP A 16 2.21 -5.00 -1.79
CA TRP A 16 2.07 -3.83 -0.93
C TRP A 16 0.73 -3.15 -1.23
N GLU A 17 -0.33 -3.69 -0.66
CA GLU A 17 -1.68 -3.14 -0.85
C GLU A 17 -2.23 -2.60 0.47
N GLN A 18 -2.62 -1.32 0.48
CA GLN A 18 -3.15 -0.70 1.69
C GLN A 18 -4.56 -1.18 1.97
N ALA A 19 -4.84 -1.44 3.25
CA ALA A 19 -6.16 -1.90 3.64
C ALA A 19 -6.35 -1.78 5.15
N ILE A 20 -7.60 -1.88 5.59
CA ILE A 20 -7.94 -1.78 7.01
C ILE A 20 -7.99 -3.16 7.68
N THR A 21 -7.48 -3.27 8.91
CA THR A 21 -7.53 -4.54 9.63
C THR A 21 -8.94 -4.73 10.19
N PRO A 22 -9.34 -5.95 10.48
CA PRO A 22 -10.70 -6.20 11.05
C PRO A 22 -11.04 -5.19 12.17
N GLU A 23 -10.02 -4.53 12.70
CA GLU A 23 -10.21 -3.56 13.79
C GLU A 23 -10.62 -2.18 13.25
N GLY A 24 -10.37 -1.92 11.97
CA GLY A 24 -10.73 -0.63 11.37
C GLY A 24 -9.52 0.31 11.30
N GLU A 25 -8.36 -0.13 11.78
CA GLU A 25 -7.16 0.71 11.75
C GLU A 25 -6.46 0.58 10.40
N ILE A 26 -6.34 1.70 9.68
CA ILE A 26 -5.69 1.67 8.36
C ILE A 26 -4.20 1.39 8.53
N TYR A 27 -3.72 0.45 7.71
CA TYR A 27 -2.32 0.05 7.75
C TYR A 27 -1.95 -0.60 6.40
N TYR A 28 -0.65 -0.81 6.16
CA TYR A 28 -0.18 -1.36 4.88
C TYR A 28 0.09 -2.87 5.02
N ILE A 29 -0.23 -3.66 3.97
CA ILE A 29 -0.04 -5.12 4.01
C ILE A 29 1.08 -5.57 3.10
N ASN A 30 1.99 -6.38 3.64
CA ASN A 30 3.10 -6.92 2.84
C ASN A 30 2.78 -8.38 2.51
N HIS A 31 2.31 -8.63 1.28
CA HIS A 31 1.98 -9.99 0.88
C HIS A 31 3.21 -10.72 0.36
N LYS A 32 4.38 -10.12 0.60
CA LYS A 32 5.64 -10.71 0.17
C LYS A 32 6.14 -11.71 1.21
N ASN A 33 5.56 -11.65 2.41
CA ASN A 33 5.96 -12.54 3.49
C ASN A 33 4.82 -12.70 4.49
N LYS A 34 3.66 -12.18 4.12
CA LYS A 34 2.48 -12.26 4.98
C LYS A 34 2.74 -11.59 6.33
N THR A 35 3.13 -10.32 6.27
CA THR A 35 3.42 -9.54 7.48
C THR A 35 2.71 -8.19 7.43
N THR A 36 2.66 -7.52 8.58
CA THR A 36 2.00 -6.21 8.68
C THR A 36 3.05 -5.11 8.84
N SER A 37 2.85 -3.97 8.19
CA SER A 37 3.83 -2.87 8.26
C SER A 37 3.12 -1.50 8.33
N TRP A 38 3.43 -0.69 9.36
CA TRP A 38 2.80 0.63 9.48
C TRP A 38 3.51 1.66 8.60
N LEU A 39 4.53 1.21 7.87
CA LEU A 39 5.30 2.13 7.00
C LEU A 39 4.37 3.16 6.34
N ASP A 40 4.88 4.39 6.16
CA ASP A 40 4.08 5.46 5.56
C ASP A 40 3.78 5.14 4.09
N PRO A 41 2.95 5.92 3.42
CA PRO A 41 2.59 5.65 1.99
C PRO A 41 3.80 5.68 1.05
N ARG A 42 3.74 4.82 0.03
CA ARG A 42 4.81 4.73 -0.95
C ARG A 42 6.11 4.25 -0.27
N LEU A 43 7.13 3.85 -1.05
CA LEU A 43 8.40 3.39 -0.48
C LEU A 43 9.58 4.06 -1.20
N GLU A 44 9.89 5.30 -0.83
CA GLU A 44 11.00 6.03 -1.45
C GLU A 44 12.14 6.20 -0.44
N THR A 45 13.37 6.01 -0.90
CA THR A 45 14.54 6.14 -0.02
C THR A 45 15.83 6.06 -0.83
N ARG A 46 15.78 6.57 -2.06
CA ARG A 46 16.95 6.57 -2.94
C ARG A 46 16.67 7.36 -4.22
N GLY A 1 -3.36 -6.38 -13.14
CA GLY A 1 -2.73 -5.06 -13.46
C GLY A 1 -1.49 -5.26 -14.30
N SER A 2 -1.59 -4.92 -15.58
CA SER A 2 -0.46 -5.05 -16.50
C SER A 2 -0.77 -4.39 -17.84
N PRO A 3 -1.19 -3.15 -17.80
CA PRO A 3 -1.52 -2.38 -19.05
C PRO A 3 -0.28 -2.15 -19.91
N ASN A 4 0.89 -2.21 -19.29
CA ASN A 4 2.15 -2.00 -19.99
C ASN A 4 2.14 -0.64 -20.69
N SER A 5 1.52 0.34 -20.05
CA SER A 5 1.44 1.70 -20.60
C SER A 5 1.77 2.73 -19.53
N SER A 6 2.27 3.89 -19.96
CA SER A 6 2.61 4.95 -19.03
C SER A 6 3.51 4.42 -17.91
N PRO A 7 4.75 4.14 -18.20
CA PRO A 7 5.71 3.61 -17.18
C PRO A 7 6.23 4.72 -16.25
N ALA A 8 5.85 4.64 -14.98
CA ALA A 8 6.29 5.65 -14.00
C ALA A 8 5.87 5.21 -12.58
N SER A 9 6.62 5.60 -11.55
CA SER A 9 6.27 5.22 -10.18
C SER A 9 5.00 5.95 -9.74
N GLY A 10 4.19 5.27 -8.93
CA GLY A 10 2.94 5.85 -8.43
C GLY A 10 1.92 4.77 -8.13
N PRO A 11 1.76 3.83 -9.02
CA PRO A 11 0.80 2.69 -8.84
C PRO A 11 1.07 1.89 -7.57
N LEU A 12 0.33 0.79 -7.40
CA LEU A 12 0.51 -0.08 -6.22
C LEU A 12 0.87 -1.50 -6.69
N PRO A 13 2.15 -1.80 -6.80
CA PRO A 13 2.61 -3.16 -7.23
C PRO A 13 2.14 -4.24 -6.27
N GLU A 14 1.91 -5.45 -6.78
CA GLU A 14 1.46 -6.55 -5.92
C GLU A 14 2.48 -6.75 -4.81
N GLY A 15 2.01 -7.02 -3.59
CA GLY A 15 2.93 -7.22 -2.46
C GLY A 15 2.89 -6.01 -1.53
N TRP A 16 2.07 -5.03 -1.89
CA TRP A 16 1.93 -3.81 -1.11
C TRP A 16 0.59 -3.14 -1.39
N GLU A 17 -0.47 -3.65 -0.78
CA GLU A 17 -1.83 -3.09 -0.97
C GLU A 17 -2.35 -2.54 0.36
N GLN A 18 -2.70 -1.25 0.36
CA GLN A 18 -3.21 -0.60 1.58
C GLN A 18 -4.61 -1.07 1.90
N ALA A 19 -4.85 -1.38 3.18
CA ALA A 19 -6.17 -1.84 3.60
C ALA A 19 -6.31 -1.80 5.12
N ILE A 20 -7.55 -1.94 5.60
CA ILE A 20 -7.84 -1.88 7.03
C ILE A 20 -7.77 -3.27 7.70
N THR A 21 -7.23 -3.33 8.92
CA THR A 21 -7.18 -4.59 9.66
C THR A 21 -8.56 -4.82 10.30
N PRO A 22 -8.82 -5.97 10.87
CA PRO A 22 -10.14 -6.22 11.53
C PRO A 22 -10.50 -5.11 12.52
N GLU A 23 -9.48 -4.50 13.10
CA GLU A 23 -9.68 -3.43 14.08
C GLU A 23 -10.20 -2.15 13.40
N GLY A 24 -10.03 -2.07 12.08
CA GLY A 24 -10.48 -0.90 11.33
C GLY A 24 -9.37 0.15 11.20
N GLU A 25 -8.18 -0.16 11.76
CA GLU A 25 -7.05 0.76 11.68
C GLU A 25 -6.36 0.63 10.33
N ILE A 26 -6.31 1.72 9.57
CA ILE A 26 -5.68 1.68 8.25
C ILE A 26 -4.18 1.47 8.39
N TYR A 27 -3.68 0.52 7.61
CA TYR A 27 -2.28 0.16 7.63
C TYR A 27 -1.91 -0.49 6.30
N TYR A 28 -0.61 -0.68 6.03
CA TYR A 28 -0.18 -1.27 4.74
C TYR A 28 0.09 -2.78 4.89
N ILE A 29 -0.27 -3.57 3.85
CA ILE A 29 -0.08 -5.04 3.89
C ILE A 29 1.03 -5.49 2.96
N ASN A 30 1.95 -6.29 3.50
CA ASN A 30 3.06 -6.84 2.73
C ASN A 30 2.79 -8.32 2.48
N HIS A 31 2.37 -8.67 1.26
CA HIS A 31 2.08 -10.08 0.96
C HIS A 31 3.34 -10.79 0.48
N LYS A 32 4.49 -10.15 0.68
CA LYS A 32 5.76 -10.73 0.27
C LYS A 32 6.29 -11.66 1.34
N ASN A 33 5.72 -11.57 2.54
CA ASN A 33 6.14 -12.40 3.66
C ASN A 33 4.99 -12.61 4.64
N LYS A 34 3.81 -12.16 4.26
CA LYS A 34 2.64 -12.32 5.13
C LYS A 34 2.87 -11.64 6.48
N THR A 35 3.15 -10.33 6.43
CA THR A 35 3.40 -9.56 7.65
C THR A 35 2.69 -8.21 7.56
N THR A 36 2.56 -7.52 8.69
CA THR A 36 1.90 -6.22 8.74
C THR A 36 2.94 -5.11 8.91
N SER A 37 2.82 -4.02 8.14
CA SER A 37 3.76 -2.90 8.25
C SER A 37 3.00 -1.58 8.47
N TRP A 38 3.23 -0.93 9.62
CA TRP A 38 2.54 0.34 9.92
C TRP A 38 3.43 1.54 9.57
N LEU A 39 3.90 1.64 8.31
CA LEU A 39 4.74 2.77 7.90
C LEU A 39 3.99 3.57 6.81
N ASP A 40 4.22 4.88 6.79
CA ASP A 40 3.55 5.74 5.80
C ASP A 40 3.65 5.13 4.41
N PRO A 41 3.05 5.75 3.41
CA PRO A 41 3.08 5.23 2.01
C PRO A 41 4.50 5.05 1.47
N ARG A 42 4.67 4.04 0.63
CA ARG A 42 5.97 3.73 0.05
C ARG A 42 6.49 4.89 -0.81
N LEU A 43 5.59 5.58 -1.53
CA LEU A 43 6.01 6.70 -2.39
C LEU A 43 5.17 7.95 -2.07
N GLU A 44 5.09 8.27 -0.78
CA GLU A 44 4.33 9.43 -0.30
C GLU A 44 3.10 9.68 -1.17
N THR A 45 2.17 8.72 -1.17
CA THR A 45 0.92 8.80 -1.95
C THR A 45 1.06 9.74 -3.15
N ARG A 46 1.94 9.38 -4.09
CA ARG A 46 2.16 10.19 -5.28
C ARG A 46 3.05 9.46 -6.27
N GLY A 1 -6.75 -5.06 -17.23
CA GLY A 1 -8.04 -4.77 -17.91
C GLY A 1 -8.96 -4.03 -16.96
N SER A 2 -8.39 -3.14 -16.16
CA SER A 2 -9.17 -2.37 -15.21
C SER A 2 -8.39 -1.16 -14.72
N PRO A 3 -7.87 -0.37 -15.63
CA PRO A 3 -7.08 0.86 -15.28
C PRO A 3 -7.94 1.95 -14.65
N ASN A 4 -9.25 1.83 -14.79
CA ASN A 4 -10.17 2.82 -14.23
C ASN A 4 -10.62 2.42 -12.83
N SER A 5 -10.05 1.33 -12.32
CA SER A 5 -10.40 0.86 -10.98
C SER A 5 -9.28 -0.02 -10.42
N SER A 6 -9.29 -0.21 -9.10
CA SER A 6 -8.28 -1.02 -8.44
C SER A 6 -6.89 -0.65 -8.94
N PRO A 7 -6.39 0.50 -8.57
CA PRO A 7 -5.04 0.98 -9.00
C PRO A 7 -3.95 -0.02 -8.63
N ALA A 8 -3.17 -0.47 -9.61
CA ALA A 8 -2.07 -1.42 -9.35
C ALA A 8 -1.23 -1.63 -10.59
N SER A 9 -1.35 -0.71 -11.55
CA SER A 9 -0.60 -0.80 -12.80
C SER A 9 0.82 -0.27 -12.59
N GLY A 10 1.07 0.30 -11.43
CA GLY A 10 2.39 0.87 -11.13
C GLY A 10 2.40 1.56 -9.78
N PRO A 11 1.43 2.41 -9.53
CA PRO A 11 1.33 3.16 -8.24
C PRO A 11 1.38 2.24 -7.02
N LEU A 12 0.79 1.07 -7.17
CA LEU A 12 0.78 0.06 -6.10
C LEU A 12 1.27 -1.29 -6.65
N PRO A 13 2.55 -1.56 -6.59
CA PRO A 13 3.10 -2.86 -7.07
C PRO A 13 2.56 -4.04 -6.28
N GLU A 14 2.44 -5.20 -6.93
CA GLU A 14 1.93 -6.39 -6.24
C GLU A 14 2.84 -6.74 -5.06
N GLY A 15 2.28 -6.74 -3.84
CA GLY A 15 3.07 -7.04 -2.64
C GLY A 15 2.99 -5.89 -1.64
N TRP A 16 2.12 -4.93 -1.95
CA TRP A 16 1.93 -3.76 -1.11
C TRP A 16 0.56 -3.13 -1.39
N GLU A 17 -0.48 -3.70 -0.78
CA GLU A 17 -1.85 -3.20 -0.96
C GLU A 17 -2.40 -2.67 0.37
N GLN A 18 -2.80 -1.40 0.39
CA GLN A 18 -3.34 -0.80 1.62
C GLN A 18 -4.67 -1.43 2.00
N ALA A 19 -4.90 -1.56 3.31
CA ALA A 19 -6.16 -2.15 3.78
C ALA A 19 -6.36 -1.91 5.27
N ILE A 20 -7.62 -1.95 5.69
CA ILE A 20 -7.98 -1.72 7.10
C ILE A 20 -8.03 -3.05 7.88
N THR A 21 -7.52 -3.04 9.11
CA THR A 21 -7.55 -4.24 9.95
C THR A 21 -8.96 -4.36 10.55
N PRO A 22 -9.30 -5.46 11.20
CA PRO A 22 -10.66 -5.62 11.80
C PRO A 22 -11.04 -4.43 12.68
N GLU A 23 -10.05 -3.88 13.36
CA GLU A 23 -10.28 -2.72 14.24
C GLU A 23 -10.67 -1.50 13.40
N GLY A 24 -10.34 -1.54 12.10
CA GLY A 24 -10.66 -0.42 11.21
C GLY A 24 -9.47 0.54 11.08
N GLU A 25 -8.34 0.20 11.72
CA GLU A 25 -7.16 1.06 11.64
C GLU A 25 -6.44 0.83 10.29
N ILE A 26 -6.32 1.88 9.49
CA ILE A 26 -5.66 1.76 8.19
C ILE A 26 -4.18 1.47 8.36
N TYR A 27 -3.71 0.49 7.59
CA TYR A 27 -2.31 0.07 7.65
C TYR A 27 -1.95 -0.59 6.31
N TYR A 28 -0.66 -0.84 6.07
CA TYR A 28 -0.22 -1.41 4.78
C TYR A 28 0.12 -2.91 4.91
N ILE A 29 -0.16 -3.70 3.86
CA ILE A 29 0.09 -5.15 3.89
C ILE A 29 1.22 -5.54 2.93
N ASN A 30 2.17 -6.32 3.45
CA ASN A 30 3.28 -6.82 2.64
C ASN A 30 3.03 -8.30 2.35
N HIS A 31 2.54 -8.61 1.15
CA HIS A 31 2.27 -10.00 0.80
C HIS A 31 3.53 -10.70 0.32
N LYS A 32 4.67 -10.09 0.62
CA LYS A 32 5.96 -10.65 0.21
C LYS A 32 6.46 -11.63 1.28
N ASN A 33 5.83 -11.57 2.45
CA ASN A 33 6.21 -12.46 3.56
C ASN A 33 5.02 -12.67 4.50
N LYS A 34 3.85 -12.18 4.09
CA LYS A 34 2.66 -12.32 4.91
C LYS A 34 2.88 -11.69 6.28
N THR A 35 3.24 -10.41 6.29
CA THR A 35 3.49 -9.68 7.53
C THR A 35 2.76 -8.35 7.51
N THR A 36 2.59 -7.75 8.68
CA THR A 36 1.89 -6.46 8.80
C THR A 36 2.88 -5.36 9.18
N SER A 37 2.75 -4.16 8.58
CA SER A 37 3.66 -3.05 8.91
C SER A 37 2.93 -1.71 8.81
N TRP A 38 3.33 -0.73 9.62
CA TRP A 38 2.69 0.59 9.61
C TRP A 38 3.44 1.58 8.73
N LEU A 39 4.56 1.15 8.16
CA LEU A 39 5.37 2.05 7.31
C LEU A 39 4.46 2.93 6.44
N ASP A 40 4.84 4.21 6.29
CA ASP A 40 4.03 5.15 5.52
C ASP A 40 4.06 4.77 4.02
N PRO A 41 3.32 5.47 3.19
CA PRO A 41 3.26 5.18 1.73
C PRO A 41 4.63 5.35 1.07
N ARG A 42 4.93 4.49 0.08
CA ARG A 42 6.21 4.56 -0.63
C ARG A 42 6.12 5.48 -1.84
N LEU A 43 5.20 6.44 -1.81
CA LEU A 43 5.04 7.38 -2.92
C LEU A 43 4.71 8.80 -2.43
N GLU A 44 3.64 8.96 -1.62
CA GLU A 44 3.26 10.27 -1.10
C GLU A 44 3.53 10.32 0.40
N THR A 45 4.80 10.26 0.76
CA THR A 45 5.20 10.29 2.17
C THR A 45 4.42 11.35 2.95
N ARG A 46 3.68 10.94 3.99
CA ARG A 46 2.92 11.89 4.81
C ARG A 46 2.78 11.36 6.23
N GLY A 1 8.31 -15.05 -20.12
CA GLY A 1 6.93 -14.78 -20.61
C GLY A 1 6.61 -13.30 -20.45
N SER A 2 6.95 -12.50 -21.45
CA SER A 2 6.69 -11.07 -21.40
C SER A 2 6.85 -10.44 -22.78
N PRO A 3 6.19 -10.98 -23.77
CA PRO A 3 6.26 -10.46 -25.17
C PRO A 3 5.63 -9.07 -25.29
N ASN A 4 4.77 -8.73 -24.32
CA ASN A 4 4.11 -7.43 -24.33
C ASN A 4 3.69 -7.04 -22.91
N SER A 5 4.57 -7.30 -21.94
CA SER A 5 4.29 -6.97 -20.54
C SER A 5 5.56 -6.52 -19.84
N SER A 6 5.41 -5.57 -18.91
CA SER A 6 6.58 -5.05 -18.18
C SER A 6 6.15 -4.40 -16.87
N PRO A 7 5.62 -5.16 -15.96
CA PRO A 7 5.16 -4.63 -14.63
C PRO A 7 6.34 -4.42 -13.67
N ALA A 8 6.62 -3.16 -13.33
CA ALA A 8 7.73 -2.88 -12.40
C ALA A 8 7.69 -1.42 -11.96
N SER A 9 6.52 -0.80 -12.12
CA SER A 9 6.35 0.60 -11.74
C SER A 9 4.88 0.89 -11.42
N GLY A 10 4.66 1.93 -10.62
CA GLY A 10 3.30 2.32 -10.24
C GLY A 10 3.29 2.88 -8.81
N PRO A 11 2.26 3.60 -8.45
CA PRO A 11 2.14 4.20 -7.09
C PRO A 11 1.94 3.13 -6.03
N LEU A 12 1.55 1.95 -6.48
CA LEU A 12 1.34 0.80 -5.60
C LEU A 12 2.10 -0.43 -6.13
N PRO A 13 3.33 -0.64 -5.71
CA PRO A 13 4.14 -1.81 -6.16
C PRO A 13 3.43 -3.13 -5.82
N GLU A 14 3.62 -4.14 -6.68
CA GLU A 14 2.98 -5.44 -6.44
C GLU A 14 3.48 -6.02 -5.11
N GLY A 15 2.57 -6.60 -4.33
CA GLY A 15 2.95 -7.18 -3.03
C GLY A 15 2.93 -6.09 -1.96
N TRP A 16 2.12 -5.07 -2.22
CA TRP A 16 1.98 -3.94 -1.31
C TRP A 16 0.66 -3.24 -1.55
N GLU A 17 -0.36 -3.63 -0.81
CA GLU A 17 -1.70 -3.02 -0.94
C GLU A 17 -2.20 -2.54 0.42
N GLN A 18 -2.84 -1.37 0.44
CA GLN A 18 -3.34 -0.79 1.68
C GLN A 18 -4.71 -1.34 2.03
N ALA A 19 -4.95 -1.54 3.32
CA ALA A 19 -6.24 -2.05 3.78
C ALA A 19 -6.40 -1.87 5.28
N ILE A 20 -7.65 -1.90 5.74
CA ILE A 20 -7.96 -1.71 7.16
C ILE A 20 -7.97 -3.08 7.90
N THR A 21 -7.40 -3.13 9.10
CA THR A 21 -7.39 -4.37 9.88
C THR A 21 -8.75 -4.54 10.55
N PRO A 22 -9.15 -5.75 10.88
CA PRO A 22 -10.46 -5.98 11.55
C PRO A 22 -10.75 -4.93 12.64
N GLU A 23 -9.70 -4.27 13.12
CA GLU A 23 -9.86 -3.26 14.18
C GLU A 23 -10.34 -1.92 13.60
N GLY A 24 -10.15 -1.71 12.30
CA GLY A 24 -10.58 -0.46 11.65
C GLY A 24 -9.40 0.51 11.47
N GLU A 25 -8.20 0.11 11.90
CA GLU A 25 -7.02 0.99 11.77
C GLU A 25 -6.38 0.78 10.40
N ILE A 26 -6.27 1.86 9.63
CA ILE A 26 -5.68 1.77 8.30
C ILE A 26 -4.19 1.49 8.42
N TYR A 27 -3.75 0.54 7.60
CA TYR A 27 -2.36 0.10 7.63
C TYR A 27 -2.00 -0.54 6.28
N TYR A 28 -0.71 -0.81 6.06
CA TYR A 28 -0.25 -1.37 4.77
C TYR A 28 0.06 -2.87 4.91
N ILE A 29 -0.16 -3.64 3.82
CA ILE A 29 0.07 -5.10 3.84
C ILE A 29 1.26 -5.48 2.96
N ASN A 30 2.14 -6.32 3.53
CA ASN A 30 3.31 -6.81 2.80
C ASN A 30 3.12 -8.29 2.48
N HIS A 31 2.67 -8.60 1.27
CA HIS A 31 2.44 -9.99 0.89
C HIS A 31 3.74 -10.66 0.48
N LYS A 32 4.86 -10.00 0.76
CA LYS A 32 6.16 -10.56 0.42
C LYS A 32 6.66 -11.47 1.55
N ASN A 33 5.97 -11.40 2.69
CA ASN A 33 6.34 -12.24 3.84
C ASN A 33 5.12 -12.54 4.71
N LYS A 34 3.95 -12.08 4.26
CA LYS A 34 2.70 -12.29 5.00
C LYS A 34 2.81 -11.65 6.39
N THR A 35 3.15 -10.37 6.41
CA THR A 35 3.28 -9.65 7.68
C THR A 35 2.56 -8.30 7.60
N THR A 36 2.27 -7.72 8.76
CA THR A 36 1.58 -6.44 8.83
C THR A 36 2.57 -5.35 9.23
N SER A 37 2.57 -4.20 8.55
CA SER A 37 3.51 -3.12 8.91
C SER A 37 2.86 -1.75 8.72
N TRP A 38 3.28 -0.77 9.52
CA TRP A 38 2.72 0.59 9.44
C TRP A 38 3.50 1.43 8.44
N LEU A 39 4.41 0.78 7.71
CA LEU A 39 5.25 1.46 6.73
C LEU A 39 4.40 2.49 5.95
N ASP A 40 4.65 3.79 6.20
CA ASP A 40 3.91 4.84 5.52
C ASP A 40 3.83 4.54 4.02
N PRO A 41 2.98 5.22 3.26
CA PRO A 41 2.88 4.96 1.80
C PRO A 41 4.23 5.12 1.09
N ARG A 42 4.49 4.26 0.11
CA ARG A 42 5.76 4.32 -0.62
C ARG A 42 5.87 5.66 -1.38
N LEU A 43 4.78 6.11 -2.01
CA LEU A 43 4.82 7.37 -2.75
C LEU A 43 4.86 8.55 -1.77
N GLU A 44 4.08 8.44 -0.70
CA GLU A 44 4.02 9.50 0.31
C GLU A 44 3.91 10.87 -0.35
N THR A 45 2.69 11.24 -0.76
CA THR A 45 2.48 12.53 -1.42
C THR A 45 3.37 13.62 -0.82
N ARG A 46 4.23 14.24 -1.64
CA ARG A 46 5.12 15.29 -1.15
C ARG A 46 5.87 15.92 -2.32
N GLY A 1 -9.45 -12.28 -20.28
CA GLY A 1 -9.76 -10.90 -19.81
C GLY A 1 -10.03 -10.91 -18.31
N SER A 2 -9.43 -9.98 -17.59
CA SER A 2 -9.61 -9.89 -16.15
C SER A 2 -11.05 -9.50 -15.82
N PRO A 3 -11.56 -9.91 -14.68
CA PRO A 3 -12.97 -9.57 -14.28
C PRO A 3 -13.15 -8.07 -14.02
N ASN A 4 -12.05 -7.39 -13.76
CA ASN A 4 -12.10 -5.94 -13.51
C ASN A 4 -10.71 -5.32 -13.66
N SER A 5 -10.38 -4.94 -14.89
CA SER A 5 -9.08 -4.33 -15.16
C SER A 5 -9.08 -2.87 -14.70
N SER A 6 -7.89 -2.32 -14.50
CA SER A 6 -7.76 -0.94 -14.06
C SER A 6 -6.29 -0.51 -14.04
N PRO A 7 -5.71 -0.30 -15.20
CA PRO A 7 -4.29 0.11 -15.31
C PRO A 7 -4.02 1.45 -14.60
N ALA A 8 -3.19 1.41 -13.56
CA ALA A 8 -2.87 2.64 -12.82
C ALA A 8 -1.79 2.35 -11.77
N SER A 9 -0.95 1.37 -12.05
CA SER A 9 0.12 1.00 -11.12
C SER A 9 1.25 2.03 -11.16
N GLY A 10 2.05 2.05 -10.11
CA GLY A 10 3.17 3.00 -10.03
C GLY A 10 3.47 3.37 -8.58
N PRO A 11 2.60 4.10 -7.95
CA PRO A 11 2.75 4.52 -6.53
C PRO A 11 2.49 3.38 -5.56
N LEU A 12 2.07 2.25 -6.11
CA LEU A 12 1.78 1.05 -5.31
C LEU A 12 2.53 -0.16 -5.91
N PRO A 13 3.74 -0.43 -5.46
CA PRO A 13 4.53 -1.59 -5.97
C PRO A 13 3.82 -2.92 -5.72
N GLU A 14 4.00 -3.88 -6.63
CA GLU A 14 3.37 -5.19 -6.49
C GLU A 14 3.82 -5.84 -5.18
N GLY A 15 2.87 -6.25 -4.34
CA GLY A 15 3.21 -6.89 -3.05
C GLY A 15 3.07 -5.88 -1.92
N TRP A 16 2.13 -4.94 -2.09
CA TRP A 16 1.89 -3.91 -1.09
C TRP A 16 0.51 -3.30 -1.33
N GLU A 17 -0.51 -3.92 -0.72
CA GLU A 17 -1.89 -3.43 -0.89
C GLU A 17 -2.42 -2.88 0.44
N GLN A 18 -2.83 -1.61 0.44
CA GLN A 18 -3.34 -0.97 1.66
C GLN A 18 -4.71 -1.50 2.03
N ALA A 19 -4.97 -1.59 3.34
CA ALA A 19 -6.27 -2.05 3.82
C ALA A 19 -6.44 -1.77 5.32
N ILE A 20 -7.69 -1.71 5.75
CA ILE A 20 -8.00 -1.44 7.16
C ILE A 20 -8.14 -2.77 7.94
N THR A 21 -7.51 -2.87 9.12
CA THR A 21 -7.61 -4.10 9.91
C THR A 21 -9.07 -4.26 10.39
N PRO A 22 -9.42 -5.38 10.96
CA PRO A 22 -10.80 -5.60 11.48
C PRO A 22 -11.23 -4.48 12.41
N GLU A 23 -10.27 -3.97 13.18
CA GLU A 23 -10.55 -2.88 14.12
C GLU A 23 -10.84 -1.58 13.35
N GLY A 24 -10.43 -1.54 12.09
CA GLY A 24 -10.65 -0.34 11.26
C GLY A 24 -9.38 0.49 11.16
N GLU A 25 -8.28 0.02 11.79
CA GLU A 25 -7.02 0.76 11.76
C GLU A 25 -6.38 0.66 10.37
N ILE A 26 -6.08 1.82 9.78
CA ILE A 26 -5.45 1.83 8.46
C ILE A 26 -4.02 1.33 8.61
N TYR A 27 -3.64 0.44 7.69
CA TYR A 27 -2.32 -0.15 7.73
C TYR A 27 -1.98 -0.77 6.36
N TYR A 28 -0.71 -1.10 6.15
CA TYR A 28 -0.25 -1.65 4.86
C TYR A 28 0.09 -3.14 4.98
N ILE A 29 -0.17 -3.93 3.90
CA ILE A 29 0.09 -5.37 3.93
C ILE A 29 1.25 -5.75 3.01
N ASN A 30 2.21 -6.48 3.57
CA ASN A 30 3.37 -6.95 2.81
C ASN A 30 3.15 -8.41 2.40
N HIS A 31 2.88 -8.65 1.11
CA HIS A 31 2.64 -10.01 0.63
C HIS A 31 3.97 -10.73 0.39
N LYS A 32 5.07 -10.03 0.64
CA LYS A 32 6.39 -10.60 0.46
C LYS A 32 6.77 -11.44 1.68
N ASN A 33 6.03 -11.27 2.76
CA ASN A 33 6.29 -12.02 3.99
C ASN A 33 5.01 -12.19 4.80
N LYS A 34 3.87 -11.92 4.17
CA LYS A 34 2.58 -12.04 4.83
C LYS A 34 2.65 -11.50 6.24
N THR A 35 2.89 -10.19 6.38
CA THR A 35 3.00 -9.55 7.68
C THR A 35 2.33 -8.18 7.65
N THR A 36 2.28 -7.53 8.81
CA THR A 36 1.67 -6.21 8.92
C THR A 36 2.76 -5.13 9.07
N SER A 37 2.63 -4.01 8.35
CA SER A 37 3.64 -2.95 8.42
C SER A 37 2.97 -1.56 8.39
N TRP A 38 3.26 -0.71 9.41
CA TRP A 38 2.67 0.63 9.46
C TRP A 38 3.55 1.62 8.69
N LEU A 39 4.73 1.16 8.28
CA LEU A 39 5.65 2.02 7.53
C LEU A 39 5.18 2.18 6.09
N ASP A 40 5.07 3.43 5.62
CA ASP A 40 4.61 3.71 4.25
C ASP A 40 5.65 3.27 3.21
N PRO A 41 5.39 2.24 2.41
CA PRO A 41 6.35 1.77 1.37
C PRO A 41 6.13 2.46 0.03
N ARG A 42 5.21 3.42 0.01
CA ARG A 42 4.88 4.13 -1.23
C ARG A 42 6.13 4.74 -1.86
N LEU A 43 7.06 5.24 -1.03
CA LEU A 43 8.29 5.86 -1.55
C LEU A 43 9.51 5.17 -0.93
N GLU A 44 9.82 3.97 -1.42
CA GLU A 44 10.98 3.24 -0.91
C GLU A 44 12.27 3.81 -1.50
N THR A 45 12.68 4.98 -0.99
CA THR A 45 13.89 5.64 -1.48
C THR A 45 14.98 4.62 -1.87
N ARG A 46 15.49 4.70 -3.10
CA ARG A 46 16.52 3.77 -3.56
C ARG A 46 17.04 4.17 -4.93
N GLY A 1 -21.82 15.15 -7.97
CA GLY A 1 -22.16 13.75 -8.36
C GLY A 1 -21.26 12.78 -7.59
N SER A 2 -20.91 11.68 -8.24
CA SER A 2 -20.06 10.67 -7.62
C SER A 2 -20.53 10.35 -6.20
N PRO A 3 -21.79 10.02 -6.05
CA PRO A 3 -22.37 9.68 -4.72
C PRO A 3 -21.72 8.42 -4.12
N ASN A 4 -21.18 7.57 -4.98
CA ASN A 4 -20.51 6.34 -4.53
C ASN A 4 -19.00 6.46 -4.69
N SER A 5 -18.29 6.52 -3.57
CA SER A 5 -16.84 6.64 -3.61
C SER A 5 -16.19 5.31 -3.98
N SER A 6 -15.88 5.16 -5.26
CA SER A 6 -15.25 3.92 -5.76
C SER A 6 -13.83 4.19 -6.25
N PRO A 7 -13.60 5.29 -6.94
CA PRO A 7 -12.25 5.64 -7.48
C PRO A 7 -11.20 5.72 -6.37
N ALA A 8 -10.08 5.01 -6.54
CA ALA A 8 -9.01 5.04 -5.53
C ALA A 8 -7.72 4.46 -6.11
N SER A 9 -7.55 4.62 -7.42
CA SER A 9 -6.35 4.11 -8.08
C SER A 9 -5.13 4.96 -7.73
N GLY A 10 -3.96 4.34 -7.71
CA GLY A 10 -2.73 5.05 -7.38
C GLY A 10 -1.52 4.13 -7.49
N PRO A 11 -0.35 4.63 -7.21
CA PRO A 11 0.91 3.83 -7.29
C PRO A 11 1.03 2.86 -6.11
N LEU A 12 0.62 1.62 -6.35
CA LEU A 12 0.69 0.57 -5.32
C LEU A 12 1.36 -0.69 -5.90
N PRO A 13 2.65 -0.85 -5.77
CA PRO A 13 3.37 -2.04 -6.30
C PRO A 13 2.81 -3.35 -5.72
N GLU A 14 2.84 -4.41 -6.53
CA GLU A 14 2.32 -5.71 -6.07
C GLU A 14 3.02 -6.12 -4.78
N GLY A 15 2.26 -6.72 -3.85
CA GLY A 15 2.82 -7.15 -2.56
C GLY A 15 2.85 -5.98 -1.58
N TRP A 16 2.05 -4.95 -1.89
CA TRP A 16 1.96 -3.78 -1.06
C TRP A 16 0.64 -3.06 -1.31
N GLU A 17 -0.44 -3.62 -0.75
CA GLU A 17 -1.77 -3.03 -0.93
C GLU A 17 -2.31 -2.49 0.40
N GLN A 18 -2.66 -1.21 0.41
CA GLN A 18 -3.17 -0.58 1.63
C GLN A 18 -4.58 -1.06 1.94
N ALA A 19 -4.83 -1.36 3.22
CA ALA A 19 -6.14 -1.84 3.63
C ALA A 19 -6.29 -1.78 5.15
N ILE A 20 -7.54 -1.92 5.62
CA ILE A 20 -7.82 -1.88 7.06
C ILE A 20 -7.75 -3.27 7.70
N THR A 21 -7.19 -3.36 8.91
CA THR A 21 -7.12 -4.63 9.63
C THR A 21 -8.47 -4.86 10.34
N PRO A 22 -8.67 -5.99 10.97
CA PRO A 22 -9.95 -6.28 11.68
C PRO A 22 -10.27 -5.21 12.73
N GLU A 23 -9.21 -4.61 13.28
CA GLU A 23 -9.39 -3.55 14.28
C GLU A 23 -9.99 -2.31 13.63
N GLY A 24 -9.90 -2.21 12.30
CA GLY A 24 -10.45 -1.06 11.58
C GLY A 24 -9.41 0.04 11.41
N GLU A 25 -8.17 -0.22 11.83
CA GLU A 25 -7.09 0.77 11.70
C GLU A 25 -6.40 0.62 10.35
N ILE A 26 -6.31 1.72 9.59
CA ILE A 26 -5.67 1.67 8.29
C ILE A 26 -4.18 1.42 8.44
N TYR A 27 -3.70 0.48 7.63
CA TYR A 27 -2.30 0.09 7.67
C TYR A 27 -1.94 -0.56 6.32
N TYR A 28 -0.64 -0.77 6.07
CA TYR A 28 -0.19 -1.34 4.80
C TYR A 28 0.06 -2.85 4.93
N ILE A 29 -0.25 -3.63 3.87
CA ILE A 29 -0.08 -5.09 3.91
C ILE A 29 1.06 -5.52 2.99
N ASN A 30 1.97 -6.33 3.54
CA ASN A 30 3.10 -6.86 2.77
C ASN A 30 2.89 -8.35 2.51
N HIS A 31 2.47 -8.71 1.30
CA HIS A 31 2.24 -10.12 0.98
C HIS A 31 3.53 -10.80 0.57
N LYS A 32 4.65 -10.15 0.85
CA LYS A 32 5.96 -10.72 0.52
C LYS A 32 6.41 -11.67 1.62
N ASN A 33 5.73 -11.60 2.76
CA ASN A 33 6.07 -12.46 3.90
C ASN A 33 4.87 -12.64 4.81
N LYS A 34 3.70 -12.19 4.36
CA LYS A 34 2.48 -12.30 5.16
C LYS A 34 2.66 -11.62 6.52
N THR A 35 3.04 -10.35 6.49
CA THR A 35 3.25 -9.58 7.72
C THR A 35 2.55 -8.22 7.61
N THR A 36 2.43 -7.53 8.73
CA THR A 36 1.79 -6.21 8.76
C THR A 36 2.85 -5.13 8.94
N SER A 37 2.76 -4.03 8.17
CA SER A 37 3.74 -2.94 8.27
C SER A 37 3.04 -1.57 8.36
N TRP A 38 3.26 -0.83 9.46
CA TRP A 38 2.64 0.49 9.60
C TRP A 38 3.38 1.52 8.76
N LEU A 39 4.33 1.02 7.96
CA LEU A 39 5.12 1.90 7.09
C LEU A 39 4.20 2.90 6.38
N ASP A 40 4.29 4.18 6.74
CA ASP A 40 3.45 5.21 6.12
C ASP A 40 3.45 5.04 4.59
N PRO A 41 2.69 5.82 3.87
CA PRO A 41 2.62 5.72 2.38
C PRO A 41 3.98 5.83 1.71
N ARG A 42 4.22 4.95 0.75
CA ARG A 42 5.50 4.93 0.04
C ARG A 42 5.71 6.22 -0.79
N LEU A 43 4.65 6.69 -1.47
CA LEU A 43 4.79 7.90 -2.30
C LEU A 43 3.53 8.76 -2.21
N GLU A 44 3.38 9.49 -1.11
CA GLU A 44 2.23 10.36 -0.94
C GLU A 44 2.43 11.30 0.26
N THR A 45 3.19 10.83 1.24
CA THR A 45 3.48 11.63 2.44
C THR A 45 2.25 12.45 2.86
N ARG A 46 1.08 11.81 2.84
CA ARG A 46 -0.16 12.49 3.20
C ARG A 46 -0.46 13.61 2.21
N GLY A 1 -3.50 22.13 5.37
CA GLY A 1 -3.78 23.34 4.55
C GLY A 1 -3.76 22.97 3.06
N SER A 2 -2.70 22.29 2.65
CA SER A 2 -2.58 21.88 1.26
C SER A 2 -1.48 20.83 1.09
N PRO A 3 -1.51 19.79 1.90
CA PRO A 3 -0.52 18.69 1.85
C PRO A 3 -0.62 17.89 0.55
N ASN A 4 -1.78 17.98 -0.10
CA ASN A 4 -2.02 17.27 -1.37
C ASN A 4 -2.06 18.26 -2.53
N SER A 5 -1.13 18.12 -3.47
CA SER A 5 -1.06 19.02 -4.64
C SER A 5 -0.98 18.21 -5.93
N SER A 6 -1.54 18.79 -7.00
CA SER A 6 -1.53 18.15 -8.31
C SER A 6 -1.59 16.63 -8.22
N PRO A 7 -2.69 16.09 -7.76
CA PRO A 7 -2.87 14.61 -7.62
C PRO A 7 -2.63 13.89 -8.96
N ALA A 8 -1.63 13.01 -8.99
CA ALA A 8 -1.32 12.25 -10.22
C ALA A 8 -0.23 11.23 -9.95
N SER A 9 0.10 11.05 -8.67
CA SER A 9 1.14 10.09 -8.27
C SER A 9 0.66 9.22 -7.11
N GLY A 10 1.16 7.99 -7.06
CA GLY A 10 0.77 7.05 -6.00
C GLY A 10 0.94 5.61 -6.48
N PRO A 11 2.15 5.20 -6.76
CA PRO A 11 2.42 3.82 -7.24
C PRO A 11 2.28 2.78 -6.11
N LEU A 12 1.86 1.58 -6.48
CA LEU A 12 1.69 0.48 -5.51
C LEU A 12 2.39 -0.77 -6.03
N PRO A 13 3.64 -1.00 -5.67
CA PRO A 13 4.39 -2.21 -6.14
C PRO A 13 3.68 -3.51 -5.77
N GLU A 14 3.74 -4.49 -6.68
CA GLU A 14 3.09 -5.78 -6.44
C GLU A 14 3.54 -6.35 -5.08
N GLY A 15 2.58 -6.63 -4.20
CA GLY A 15 2.90 -7.17 -2.87
C GLY A 15 2.93 -6.05 -1.83
N TRP A 16 2.09 -5.04 -2.04
CA TRP A 16 2.02 -3.89 -1.16
C TRP A 16 0.72 -3.15 -1.37
N GLU A 17 -0.35 -3.65 -0.75
CA GLU A 17 -1.68 -3.03 -0.88
C GLU A 17 -2.13 -2.46 0.46
N GLN A 18 -2.88 -1.36 0.41
CA GLN A 18 -3.35 -0.69 1.62
C GLN A 18 -4.76 -1.15 1.98
N ALA A 19 -4.98 -1.43 3.27
CA ALA A 19 -6.28 -1.89 3.72
C ALA A 19 -6.42 -1.76 5.23
N ILE A 20 -7.67 -1.85 5.71
CA ILE A 20 -7.97 -1.73 7.14
C ILE A 20 -7.95 -3.10 7.83
N THR A 21 -7.36 -3.18 9.03
CA THR A 21 -7.34 -4.44 9.78
C THR A 21 -8.68 -4.60 10.48
N PRO A 22 -9.09 -5.81 10.78
CA PRO A 22 -10.40 -6.03 11.47
C PRO A 22 -10.60 -5.03 12.62
N GLU A 23 -9.48 -4.50 13.13
CA GLU A 23 -9.53 -3.52 14.23
C GLU A 23 -10.10 -2.18 13.77
N GLY A 24 -10.03 -1.92 12.46
CA GLY A 24 -10.56 -0.65 11.91
C GLY A 24 -9.43 0.37 11.65
N GLU A 25 -8.19 0.00 11.96
CA GLU A 25 -7.05 0.91 11.75
C GLU A 25 -6.43 0.73 10.36
N ILE A 26 -6.28 1.82 9.62
CA ILE A 26 -5.68 1.74 8.29
C ILE A 26 -4.20 1.41 8.44
N TYR A 27 -3.76 0.46 7.62
CA TYR A 27 -2.38 0.00 7.65
C TYR A 27 -2.05 -0.62 6.30
N TYR A 28 -0.77 -0.88 6.04
CA TYR A 28 -0.32 -1.43 4.75
C TYR A 28 -0.01 -2.94 4.88
N ILE A 29 -0.27 -3.72 3.81
CA ILE A 29 -0.03 -5.18 3.85
C ILE A 29 1.15 -5.58 2.98
N ASN A 30 2.05 -6.38 3.57
CA ASN A 30 3.23 -6.88 2.86
C ASN A 30 3.00 -8.35 2.52
N HIS A 31 2.67 -8.65 1.26
CA HIS A 31 2.42 -10.04 0.86
C HIS A 31 3.70 -10.74 0.47
N LYS A 32 4.83 -10.09 0.73
CA LYS A 32 6.14 -10.68 0.41
C LYS A 32 6.58 -11.61 1.53
N ASN A 33 5.94 -11.51 2.68
CA ASN A 33 6.28 -12.36 3.82
C ASN A 33 5.06 -12.59 4.71
N LYS A 34 3.90 -12.14 4.25
CA LYS A 34 2.66 -12.30 5.01
C LYS A 34 2.79 -11.66 6.39
N THR A 35 3.16 -10.37 6.41
CA THR A 35 3.30 -9.64 7.66
C THR A 35 2.59 -8.30 7.59
N THR A 36 2.37 -7.69 8.74
CA THR A 36 1.70 -6.38 8.80
C THR A 36 2.72 -5.30 9.13
N SER A 37 2.63 -4.13 8.47
CA SER A 37 3.58 -3.04 8.74
C SER A 37 2.87 -1.68 8.67
N TRP A 38 3.42 -0.68 9.35
CA TRP A 38 2.82 0.69 9.37
C TRP A 38 3.76 1.69 8.68
N LEU A 39 4.98 1.25 8.40
CA LEU A 39 5.95 2.11 7.74
C LEU A 39 5.60 2.27 6.25
N ASP A 40 5.16 3.48 5.87
CA ASP A 40 4.79 3.75 4.48
C ASP A 40 5.83 3.16 3.51
N PRO A 41 5.54 2.04 2.86
CA PRO A 41 6.50 1.41 1.92
C PRO A 41 6.36 1.95 0.50
N ARG A 42 5.40 2.85 0.29
CA ARG A 42 5.17 3.40 -1.04
C ARG A 42 6.43 4.08 -1.57
N LEU A 43 7.20 4.75 -0.70
CA LEU A 43 8.42 5.42 -1.13
C LEU A 43 9.56 5.14 -0.15
N GLU A 44 10.10 3.93 -0.20
CA GLU A 44 11.18 3.55 0.69
C GLU A 44 12.36 4.51 0.52
N THR A 45 12.36 5.61 1.27
CA THR A 45 13.42 6.60 1.17
C THR A 45 14.80 5.94 1.37
N ARG A 46 15.77 6.23 0.49
CA ARG A 46 17.11 5.65 0.61
C ARG A 46 18.15 6.60 0.05
N GLY A 1 -8.35 23.52 -14.09
CA GLY A 1 -7.39 23.08 -15.13
C GLY A 1 -7.62 21.60 -15.43
N SER A 2 -6.69 21.00 -16.17
CA SER A 2 -6.80 19.59 -16.52
C SER A 2 -5.55 19.13 -17.27
N PRO A 3 -4.39 19.35 -16.71
CA PRO A 3 -3.09 18.93 -17.32
C PRO A 3 -2.98 17.42 -17.42
N ASN A 4 -3.73 16.72 -16.58
CA ASN A 4 -3.71 15.25 -16.58
C ASN A 4 -2.28 14.74 -16.39
N SER A 5 -1.50 15.47 -15.59
CA SER A 5 -0.12 15.08 -15.32
C SER A 5 -0.08 13.73 -14.61
N SER A 6 -0.99 13.55 -13.65
CA SER A 6 -1.06 12.31 -12.88
C SER A 6 0.33 11.75 -12.58
N PRO A 7 1.12 12.48 -11.83
CA PRO A 7 2.49 12.05 -11.45
C PRO A 7 2.47 10.99 -10.36
N ALA A 8 1.28 10.73 -9.81
CA ALA A 8 1.12 9.74 -8.74
C ALA A 8 -0.36 9.55 -8.42
N SER A 9 -1.14 9.22 -9.44
CA SER A 9 -2.59 9.03 -9.26
C SER A 9 -2.85 7.93 -8.22
N GLY A 10 -1.95 6.96 -8.16
CA GLY A 10 -2.11 5.86 -7.20
C GLY A 10 -1.20 4.68 -7.53
N PRO A 11 0.09 4.89 -7.50
CA PRO A 11 1.08 3.81 -7.79
C PRO A 11 1.24 2.86 -6.61
N LEU A 12 0.78 1.62 -6.78
CA LEU A 12 0.88 0.61 -5.72
C LEU A 12 1.49 -0.69 -6.30
N PRO A 13 2.80 -0.86 -6.21
CA PRO A 13 3.46 -2.09 -6.73
C PRO A 13 2.90 -3.36 -6.05
N GLU A 14 2.87 -4.46 -6.79
CA GLU A 14 2.36 -5.72 -6.24
C GLU A 14 3.13 -6.09 -4.97
N GLY A 15 2.43 -6.67 -3.99
CA GLY A 15 3.08 -7.07 -2.72
C GLY A 15 2.99 -5.95 -1.69
N TRP A 16 2.14 -4.98 -1.98
CA TRP A 16 1.95 -3.84 -1.09
C TRP A 16 0.60 -3.18 -1.37
N GLU A 17 -0.46 -3.72 -0.75
CA GLU A 17 -1.82 -3.18 -0.94
C GLU A 17 -2.35 -2.65 0.39
N GLN A 18 -2.76 -1.38 0.40
CA GLN A 18 -3.29 -0.76 1.63
C GLN A 18 -4.68 -1.28 1.97
N ALA A 19 -4.95 -1.44 3.27
CA ALA A 19 -6.25 -1.91 3.70
C ALA A 19 -6.43 -1.75 5.22
N ILE A 20 -7.68 -1.80 5.67
CA ILE A 20 -8.02 -1.67 7.09
C ILE A 20 -8.08 -3.04 7.79
N THR A 21 -7.56 -3.13 9.02
CA THR A 21 -7.60 -4.39 9.77
C THR A 21 -8.98 -4.51 10.44
N PRO A 22 -9.25 -5.59 11.14
CA PRO A 22 -10.58 -5.78 11.81
C PRO A 22 -10.84 -4.70 12.85
N GLU A 23 -9.78 -4.03 13.29
CA GLU A 23 -9.92 -2.95 14.29
C GLU A 23 -10.32 -1.65 13.60
N GLY A 24 -10.25 -1.65 12.27
CA GLY A 24 -10.60 -0.46 11.49
C GLY A 24 -9.41 0.49 11.35
N GLU A 25 -8.23 0.07 11.83
CA GLU A 25 -7.04 0.92 11.73
C GLU A 25 -6.38 0.72 10.36
N ILE A 26 -6.24 1.80 9.60
CA ILE A 26 -5.62 1.71 8.29
C ILE A 26 -4.14 1.38 8.44
N TYR A 27 -3.72 0.38 7.68
CA TYR A 27 -2.33 -0.09 7.72
C TYR A 27 -1.97 -0.70 6.37
N TYR A 28 -0.68 -0.96 6.14
CA TYR A 28 -0.22 -1.50 4.85
C TYR A 28 0.08 -3.00 4.97
N ILE A 29 -0.21 -3.77 3.90
CA ILE A 29 0.00 -5.22 3.91
C ILE A 29 1.16 -5.61 3.00
N ASN A 30 2.08 -6.40 3.56
CA ASN A 30 3.22 -6.91 2.79
C ASN A 30 2.99 -8.38 2.48
N HIS A 31 2.57 -8.69 1.26
CA HIS A 31 2.31 -10.07 0.87
C HIS A 31 3.60 -10.75 0.43
N LYS A 32 4.72 -10.11 0.74
CA LYS A 32 6.03 -10.66 0.38
C LYS A 32 6.51 -11.61 1.47
N ASN A 33 5.79 -11.63 2.59
CA ASN A 33 6.16 -12.50 3.71
C ASN A 33 4.97 -12.68 4.65
N LYS A 34 3.80 -12.20 4.23
CA LYS A 34 2.59 -12.30 5.05
C LYS A 34 2.81 -11.60 6.39
N THR A 35 3.17 -10.32 6.33
CA THR A 35 3.40 -9.53 7.54
C THR A 35 2.67 -8.20 7.48
N THR A 36 2.56 -7.54 8.63
CA THR A 36 1.88 -6.24 8.73
C THR A 36 2.92 -5.13 8.90
N SER A 37 2.76 -4.01 8.19
CA SER A 37 3.73 -2.90 8.31
C SER A 37 3.00 -1.55 8.44
N TRP A 38 3.32 -0.78 9.51
CA TRP A 38 2.69 0.53 9.71
C TRP A 38 3.61 1.65 9.22
N LEU A 39 4.41 1.37 8.19
CA LEU A 39 5.34 2.38 7.63
C LEU A 39 5.21 2.44 6.10
N ASP A 40 5.02 3.66 5.58
CA ASP A 40 4.86 3.88 4.13
C ASP A 40 5.92 3.11 3.31
N PRO A 41 5.59 1.99 2.69
CA PRO A 41 6.54 1.22 1.86
C PRO A 41 6.43 1.58 0.38
N ARG A 42 5.51 2.49 0.06
CA ARG A 42 5.28 2.90 -1.32
C ARG A 42 6.54 3.47 -1.97
N LEU A 43 7.34 4.26 -1.23
CA LEU A 43 8.54 4.88 -1.80
C LEU A 43 9.81 4.21 -1.26
N GLU A 44 9.87 2.90 -1.37
CA GLU A 44 11.03 2.15 -0.90
C GLU A 44 11.28 2.41 0.58
N THR A 45 10.22 2.37 1.37
CA THR A 45 10.32 2.61 2.80
C THR A 45 11.28 3.77 3.09
N ARG A 46 11.27 4.77 2.24
CA ARG A 46 12.15 5.93 2.39
C ARG A 46 13.60 5.50 2.25
N GLY A 1 1.37 26.08 1.20
CA GLY A 1 2.72 25.75 1.71
C GLY A 1 3.24 24.50 1.01
N SER A 2 4.52 24.49 0.67
CA SER A 2 5.12 23.34 0.00
C SER A 2 6.64 23.44 0.02
N PRO A 3 7.21 23.68 1.17
CA PRO A 3 8.69 23.80 1.34
C PRO A 3 9.41 22.48 1.03
N ASN A 4 8.68 21.38 1.15
CA ASN A 4 9.26 20.06 0.88
C ASN A 4 8.18 19.09 0.38
N SER A 5 7.33 19.57 -0.52
CA SER A 5 6.26 18.76 -1.08
C SER A 5 6.20 18.91 -2.60
N SER A 6 5.74 17.87 -3.28
CA SER A 6 5.64 17.92 -4.74
C SER A 6 4.98 16.65 -5.28
N PRO A 7 4.45 16.70 -6.48
CA PRO A 7 3.79 15.52 -7.12
C PRO A 7 4.81 14.46 -7.55
N ALA A 8 4.80 13.31 -6.88
CA ALA A 8 5.73 12.23 -7.20
C ALA A 8 5.37 10.96 -6.44
N SER A 9 4.08 10.65 -6.40
CA SER A 9 3.61 9.47 -5.70
C SER A 9 2.25 9.03 -6.26
N GLY A 10 1.90 7.76 -6.05
CA GLY A 10 0.64 7.23 -6.56
C GLY A 10 0.74 5.73 -6.84
N PRO A 11 1.82 5.30 -7.44
CA PRO A 11 2.05 3.87 -7.78
C PRO A 11 2.06 2.97 -6.54
N LEU A 12 1.56 1.74 -6.71
CA LEU A 12 1.50 0.76 -5.63
C LEU A 12 2.15 -0.55 -6.12
N PRO A 13 3.44 -0.74 -5.91
CA PRO A 13 4.16 -1.97 -6.36
C PRO A 13 3.51 -3.26 -5.84
N GLU A 14 3.52 -4.30 -6.68
CA GLU A 14 2.94 -5.59 -6.30
C GLU A 14 3.49 -6.04 -4.93
N GLY A 15 2.64 -6.66 -4.12
CA GLY A 15 3.07 -7.12 -2.79
C GLY A 15 2.94 -5.99 -1.77
N TRP A 16 2.09 -5.02 -2.09
CA TRP A 16 1.87 -3.88 -1.20
C TRP A 16 0.49 -3.30 -1.45
N GLU A 17 -0.50 -3.86 -0.76
CA GLU A 17 -1.89 -3.39 -0.88
C GLU A 17 -2.35 -2.75 0.41
N GLN A 18 -2.88 -1.52 0.34
CA GLN A 18 -3.33 -0.82 1.54
C GLN A 18 -4.74 -1.28 1.93
N ALA A 19 -4.97 -1.42 3.23
CA ALA A 19 -6.29 -1.85 3.70
C ALA A 19 -6.45 -1.65 5.20
N ILE A 20 -7.70 -1.62 5.65
CA ILE A 20 -8.01 -1.44 7.07
C ILE A 20 -8.15 -2.82 7.76
N THR A 21 -7.59 -2.96 8.96
CA THR A 21 -7.70 -4.22 9.69
C THR A 21 -9.13 -4.33 10.27
N PRO A 22 -9.53 -5.45 10.81
CA PRO A 22 -10.90 -5.60 11.37
C PRO A 22 -11.25 -4.48 12.35
N GLU A 23 -10.25 -4.04 13.12
CA GLU A 23 -10.47 -2.96 14.08
C GLU A 23 -10.76 -1.65 13.34
N GLY A 24 -10.42 -1.62 12.04
CA GLY A 24 -10.66 -0.43 11.23
C GLY A 24 -9.39 0.44 11.17
N GLU A 25 -8.30 -0.03 11.80
CA GLU A 25 -7.05 0.73 11.80
C GLU A 25 -6.36 0.62 10.43
N ILE A 26 -6.10 1.77 9.81
CA ILE A 26 -5.45 1.77 8.49
C ILE A 26 -4.02 1.29 8.65
N TYR A 27 -3.62 0.42 7.73
CA TYR A 27 -2.29 -0.16 7.75
C TYR A 27 -1.96 -0.75 6.37
N TYR A 28 -0.67 -1.03 6.13
CA TYR A 28 -0.24 -1.55 4.82
C TYR A 28 0.10 -3.06 4.91
N ILE A 29 -0.19 -3.82 3.85
CA ILE A 29 0.06 -5.27 3.85
C ILE A 29 1.20 -5.66 2.92
N ASN A 30 2.21 -6.35 3.47
CA ASN A 30 3.34 -6.83 2.68
C ASN A 30 3.11 -8.31 2.35
N HIS A 31 2.51 -8.58 1.19
CA HIS A 31 2.24 -9.95 0.81
C HIS A 31 3.51 -10.65 0.35
N LYS A 32 4.65 -10.05 0.67
CA LYS A 32 5.95 -10.62 0.28
C LYS A 32 6.43 -11.63 1.32
N ASN A 33 5.83 -11.59 2.51
CA ASN A 33 6.23 -12.51 3.58
C ASN A 33 5.10 -12.67 4.59
N LYS A 34 3.90 -12.24 4.23
CA LYS A 34 2.75 -12.35 5.11
C LYS A 34 3.01 -11.65 6.45
N THR A 35 3.20 -10.34 6.42
CA THR A 35 3.45 -9.56 7.63
C THR A 35 2.70 -8.23 7.58
N THR A 36 2.60 -7.58 8.73
CA THR A 36 1.92 -6.29 8.82
C THR A 36 2.94 -5.15 8.98
N SER A 37 2.70 -4.01 8.33
CA SER A 37 3.64 -2.87 8.43
C SER A 37 2.87 -1.55 8.56
N TRP A 38 3.26 -0.69 9.53
CA TRP A 38 2.57 0.60 9.74
C TRP A 38 3.44 1.77 9.27
N LEU A 39 4.35 1.54 8.32
CA LEU A 39 5.22 2.61 7.80
C LEU A 39 5.15 2.63 6.28
N ASP A 40 5.01 3.83 5.68
CA ASP A 40 4.93 3.96 4.24
C ASP A 40 6.00 3.10 3.55
N PRO A 41 5.65 1.97 2.97
CA PRO A 41 6.64 1.08 2.30
C PRO A 41 6.87 1.47 0.82
N ARG A 42 6.09 2.42 0.32
CA ARG A 42 6.25 2.85 -1.07
C ARG A 42 7.66 3.40 -1.30
N LEU A 43 8.19 4.18 -0.35
CA LEU A 43 9.52 4.76 -0.49
C LEU A 43 10.25 4.75 0.85
N GLU A 44 10.66 3.56 1.29
CA GLU A 44 11.37 3.42 2.57
C GLU A 44 12.44 2.34 2.46
N THR A 45 12.28 1.45 1.49
CA THR A 45 13.23 0.35 1.29
C THR A 45 14.68 0.80 1.58
N ARG A 46 15.34 0.14 2.53
CA ARG A 46 16.71 0.50 2.89
C ARG A 46 16.78 1.97 3.30
N GLY A 1 -6.40 14.02 -22.30
CA GLY A 1 -7.52 14.52 -21.46
C GLY A 1 -7.99 13.42 -20.51
N SER A 2 -7.06 12.93 -19.70
CA SER A 2 -7.39 11.87 -18.74
C SER A 2 -6.20 11.60 -17.82
N PRO A 3 -5.67 12.62 -17.20
CA PRO A 3 -4.50 12.48 -16.28
C PRO A 3 -4.87 11.70 -15.02
N ASN A 4 -6.16 11.69 -14.68
CA ASN A 4 -6.62 10.98 -13.49
C ASN A 4 -8.13 10.75 -13.55
N SER A 5 -8.54 9.49 -13.49
CA SER A 5 -9.96 9.15 -13.52
C SER A 5 -10.20 7.78 -12.90
N SER A 6 -11.43 7.52 -12.48
CA SER A 6 -11.76 6.24 -11.87
C SER A 6 -10.69 5.84 -10.85
N PRO A 7 -10.76 6.37 -9.66
CA PRO A 7 -9.76 6.07 -8.59
C PRO A 7 -9.58 4.57 -8.37
N ALA A 8 -8.42 4.06 -8.77
CA ALA A 8 -8.11 2.62 -8.62
C ALA A 8 -6.69 2.34 -9.05
N SER A 9 -5.96 3.40 -9.40
CA SER A 9 -4.56 3.28 -9.84
C SER A 9 -3.69 4.28 -9.10
N GLY A 10 -2.41 3.94 -8.94
CA GLY A 10 -1.47 4.82 -8.25
C GLY A 10 -0.17 4.09 -7.95
N PRO A 11 0.77 4.76 -7.32
CA PRO A 11 2.09 4.16 -6.98
C PRO A 11 1.96 3.09 -5.89
N LEU A 12 1.72 1.85 -6.31
CA LEU A 12 1.58 0.72 -5.39
C LEU A 12 2.48 -0.43 -5.84
N PRO A 13 3.69 -0.54 -5.34
CA PRO A 13 4.61 -1.64 -5.74
C PRO A 13 4.00 -3.03 -5.51
N GLU A 14 4.33 -3.97 -6.39
CA GLU A 14 3.80 -5.33 -6.29
C GLU A 14 4.09 -5.93 -4.91
N GLY A 15 3.04 -6.35 -4.19
CA GLY A 15 3.23 -6.94 -2.86
C GLY A 15 3.11 -5.86 -1.79
N TRP A 16 2.21 -4.91 -2.00
CA TRP A 16 1.99 -3.83 -1.08
C TRP A 16 0.62 -3.22 -1.32
N GLU A 17 -0.41 -3.83 -0.72
CA GLU A 17 -1.80 -3.35 -0.87
C GLU A 17 -2.32 -2.83 0.46
N GLN A 18 -2.83 -1.60 0.46
CA GLN A 18 -3.35 -0.98 1.69
C GLN A 18 -4.73 -1.53 2.05
N ALA A 19 -4.98 -1.63 3.35
CA ALA A 19 -6.28 -2.12 3.82
C ALA A 19 -6.44 -1.84 5.32
N ILE A 20 -7.69 -1.79 5.78
CA ILE A 20 -7.97 -1.53 7.18
C ILE A 20 -8.11 -2.87 7.95
N THR A 21 -7.43 -2.99 9.10
CA THR A 21 -7.54 -4.22 9.88
C THR A 21 -8.97 -4.37 10.40
N PRO A 22 -9.38 -5.53 10.83
CA PRO A 22 -10.75 -5.72 11.38
C PRO A 22 -11.07 -4.67 12.44
N GLU A 23 -10.03 -4.23 13.14
CA GLU A 23 -10.18 -3.21 14.18
C GLU A 23 -10.62 -1.88 13.56
N GLY A 24 -10.45 -1.74 12.25
CA GLY A 24 -10.85 -0.51 11.56
C GLY A 24 -9.66 0.45 11.42
N GLU A 25 -8.45 0.00 11.81
CA GLU A 25 -7.27 0.85 11.72
C GLU A 25 -6.59 0.69 10.37
N ILE A 26 -6.12 1.80 9.81
CA ILE A 26 -5.44 1.79 8.51
C ILE A 26 -4.02 1.26 8.67
N TYR A 27 -3.65 0.36 7.75
CA TYR A 27 -2.33 -0.24 7.78
C TYR A 27 -2.00 -0.85 6.40
N TYR A 28 -0.73 -1.17 6.18
CA TYR A 28 -0.28 -1.70 4.87
C TYR A 28 0.08 -3.20 4.98
N ILE A 29 -0.17 -3.96 3.90
CA ILE A 29 0.12 -5.41 3.90
C ILE A 29 1.27 -5.76 2.97
N ASN A 30 2.25 -6.49 3.52
CA ASN A 30 3.41 -6.94 2.75
C ASN A 30 3.20 -8.40 2.34
N HIS A 31 2.85 -8.63 1.08
CA HIS A 31 2.62 -9.99 0.61
C HIS A 31 3.88 -10.82 0.73
N LYS A 32 5.01 -10.19 0.45
CA LYS A 32 6.30 -10.88 0.50
C LYS A 32 6.43 -11.73 1.77
N ASN A 33 5.53 -11.54 2.72
CA ASN A 33 5.59 -12.33 3.96
C ASN A 33 4.27 -12.29 4.73
N LYS A 34 3.22 -11.74 4.10
CA LYS A 34 1.93 -11.66 4.76
C LYS A 34 2.07 -10.97 6.11
N THR A 35 3.11 -10.16 6.25
CA THR A 35 3.35 -9.46 7.52
C THR A 35 2.56 -8.16 7.55
N THR A 36 2.43 -7.59 8.76
CA THR A 36 1.72 -6.33 8.94
C THR A 36 2.72 -5.22 9.25
N SER A 37 2.60 -4.06 8.57
CA SER A 37 3.55 -2.97 8.84
C SER A 37 2.95 -1.59 8.52
N TRP A 38 3.43 -0.55 9.20
CA TRP A 38 2.92 0.82 8.98
C TRP A 38 3.85 1.58 8.02
N LEU A 39 4.98 0.97 7.69
CA LEU A 39 5.95 1.63 6.79
C LEU A 39 5.30 1.83 5.41
N ASP A 40 5.43 3.06 4.87
CA ASP A 40 4.84 3.37 3.56
C ASP A 40 5.90 3.33 2.45
N PRO A 41 5.92 2.31 1.60
CA PRO A 41 6.91 2.21 0.50
C PRO A 41 6.44 2.94 -0.76
N ARG A 42 5.23 3.49 -0.70
CA ARG A 42 4.66 4.21 -1.84
C ARG A 42 5.72 5.06 -2.54
N LEU A 43 6.67 5.60 -1.76
CA LEU A 43 7.72 6.44 -2.34
C LEU A 43 9.04 6.19 -1.62
N GLU A 44 9.66 5.03 -1.89
CA GLU A 44 10.93 4.68 -1.27
C GLU A 44 10.84 4.84 0.24
N THR A 45 10.71 3.72 0.97
CA THR A 45 10.62 3.78 2.43
C THR A 45 11.97 4.18 3.05
N ARG A 46 12.75 4.97 2.30
CA ARG A 46 14.05 5.44 2.78
C ARG A 46 14.34 6.83 2.22
N GLY A 1 -24.73 4.08 -11.34
CA GLY A 1 -23.34 3.76 -10.90
C GLY A 1 -22.58 3.09 -12.06
N SER A 2 -21.65 3.82 -12.65
CA SER A 2 -20.87 3.29 -13.75
C SER A 2 -19.72 4.23 -14.11
N PRO A 3 -18.96 4.65 -13.13
CA PRO A 3 -17.80 5.56 -13.33
C PRO A 3 -16.70 4.92 -14.17
N ASN A 4 -16.66 3.58 -14.19
CA ASN A 4 -15.65 2.87 -14.95
C ASN A 4 -14.26 3.32 -14.55
N SER A 5 -14.08 3.60 -13.26
CA SER A 5 -12.79 4.05 -12.74
C SER A 5 -11.84 2.87 -12.59
N SER A 6 -10.54 3.17 -12.50
CA SER A 6 -9.52 2.12 -12.36
C SER A 6 -8.43 2.61 -11.40
N PRO A 7 -7.67 1.71 -10.78
CA PRO A 7 -6.59 2.12 -9.84
C PRO A 7 -5.69 3.20 -10.45
N ALA A 8 -5.52 4.32 -9.74
CA ALA A 8 -4.66 5.41 -10.24
C ALA A 8 -4.45 6.46 -9.16
N SER A 9 -4.82 6.12 -7.93
CA SER A 9 -4.65 7.06 -6.82
C SER A 9 -3.17 7.40 -6.64
N GLY A 10 -2.31 6.42 -6.87
CA GLY A 10 -0.88 6.62 -6.73
C GLY A 10 -0.11 5.35 -7.08
N PRO A 11 1.18 5.35 -6.91
CA PRO A 11 2.02 4.16 -7.22
C PRO A 11 1.93 3.09 -6.13
N LEU A 12 1.43 1.92 -6.49
CA LEU A 12 1.29 0.81 -5.54
C LEU A 12 1.92 -0.46 -6.15
N PRO A 13 3.19 -0.71 -5.91
CA PRO A 13 3.88 -1.93 -6.45
C PRO A 13 3.24 -3.22 -5.93
N GLU A 14 3.25 -4.26 -6.77
CA GLU A 14 2.68 -5.54 -6.39
C GLU A 14 3.30 -6.00 -5.06
N GLY A 15 2.50 -6.62 -4.18
CA GLY A 15 3.02 -7.09 -2.90
C GLY A 15 2.95 -5.97 -1.85
N TRP A 16 2.05 -5.02 -2.10
CA TRP A 16 1.88 -3.90 -1.19
C TRP A 16 0.51 -3.26 -1.42
N GLU A 17 -0.52 -3.85 -0.80
CA GLU A 17 -1.90 -3.33 -0.94
C GLU A 17 -2.39 -2.80 0.40
N GLN A 18 -2.77 -1.52 0.43
CA GLN A 18 -3.25 -0.91 1.67
C GLN A 18 -4.65 -1.40 2.04
N ALA A 19 -4.91 -1.51 3.33
CA ALA A 19 -6.23 -1.96 3.79
C ALA A 19 -6.40 -1.70 5.29
N ILE A 20 -7.66 -1.58 5.72
CA ILE A 20 -7.99 -1.32 7.12
C ILE A 20 -8.22 -2.66 7.85
N THR A 21 -7.66 -2.81 9.07
CA THR A 21 -7.86 -4.03 9.84
C THR A 21 -9.32 -4.09 10.30
N PRO A 22 -9.78 -5.21 10.84
CA PRO A 22 -11.18 -5.32 11.32
C PRO A 22 -11.56 -4.18 12.25
N GLU A 23 -10.60 -3.75 13.06
CA GLU A 23 -10.83 -2.64 14.00
C GLU A 23 -11.00 -1.33 13.24
N GLY A 24 -10.56 -1.32 11.97
CA GLY A 24 -10.67 -0.11 11.15
C GLY A 24 -9.33 0.62 11.09
N GLU A 25 -8.30 0.10 11.79
CA GLU A 25 -6.99 0.74 11.78
C GLU A 25 -6.34 0.64 10.40
N ILE A 26 -5.94 1.78 9.84
CA ILE A 26 -5.29 1.79 8.53
C ILE A 26 -3.88 1.23 8.67
N TYR A 27 -3.54 0.34 7.75
CA TYR A 27 -2.23 -0.29 7.77
C TYR A 27 -1.89 -0.87 6.39
N TYR A 28 -0.62 -1.18 6.15
CA TYR A 28 -0.16 -1.70 4.85
C TYR A 28 0.15 -3.20 4.92
N ILE A 29 -0.15 -3.95 3.84
CA ILE A 29 0.09 -5.40 3.83
C ILE A 29 1.24 -5.78 2.89
N ASN A 30 2.20 -6.52 3.42
CA ASN A 30 3.34 -6.99 2.64
C ASN A 30 3.13 -8.46 2.27
N HIS A 31 2.80 -8.74 1.01
CA HIS A 31 2.57 -10.12 0.59
C HIS A 31 3.90 -10.79 0.23
N LYS A 32 4.99 -10.11 0.54
CA LYS A 32 6.33 -10.65 0.26
C LYS A 32 6.80 -11.48 1.44
N ASN A 33 6.07 -11.41 2.54
CA ASN A 33 6.41 -12.17 3.74
C ASN A 33 5.17 -12.37 4.62
N LYS A 34 4.03 -11.89 4.13
CA LYS A 34 2.79 -12.01 4.86
C LYS A 34 2.96 -11.44 6.28
N THR A 35 3.20 -10.12 6.35
CA THR A 35 3.38 -9.44 7.63
C THR A 35 2.59 -8.13 7.64
N THR A 36 2.46 -7.53 8.82
CA THR A 36 1.75 -6.27 8.96
C THR A 36 2.75 -5.13 9.18
N SER A 37 2.58 -3.99 8.48
CA SER A 37 3.52 -2.88 8.62
C SER A 37 2.78 -1.52 8.58
N TRP A 38 2.97 -0.69 9.62
CA TRP A 38 2.30 0.63 9.65
C TRP A 38 3.06 1.65 8.81
N LEU A 39 4.21 1.24 8.25
CA LEU A 39 5.03 2.16 7.45
C LEU A 39 4.15 3.10 6.60
N ASP A 40 4.55 4.37 6.53
CA ASP A 40 3.78 5.37 5.79
C ASP A 40 3.58 4.95 4.33
N PRO A 41 2.86 5.71 3.54
CA PRO A 41 2.60 5.36 2.11
C PRO A 41 3.90 5.28 1.30
N ARG A 42 3.94 4.36 0.34
CA ARG A 42 5.10 4.17 -0.50
C ARG A 42 6.35 3.95 0.39
N LEU A 43 7.47 3.49 -0.20
CA LEU A 43 8.70 3.24 0.57
C LEU A 43 9.74 4.31 0.23
N GLU A 44 9.56 5.51 0.79
CA GLU A 44 10.50 6.60 0.54
C GLU A 44 10.67 6.82 -0.96
N THR A 45 9.57 7.14 -1.64
CA THR A 45 9.60 7.36 -3.09
C THR A 45 10.55 6.40 -3.78
N ARG A 46 10.65 5.17 -3.26
CA ARG A 46 11.53 4.17 -3.85
C ARG A 46 11.34 2.83 -3.16
#